data_3MJC
#
_entry.id   3MJC
#
_cell.length_a   61.474
_cell.length_b   63.746
_cell.length_c   71.551
_cell.angle_alpha   72.79
_cell.angle_beta   67.30
_cell.angle_gamma   89.82
#
_symmetry.space_group_name_H-M   'P 1'
#
loop_
_entity.id
_entity.type
_entity.pdbx_description
1 polymer AmphB
2 non-polymer GLYCEROL
3 water water
#
_entity_poly.entity_id   1
_entity_poly.type   'polypeptide(L)'
_entity_poly.pdbx_seq_one_letter_code
;MGSSHHHHHHSSGLVPRGSHMDALRYHIEWNRVAEPGTARPAGRLLAVISPDHAGAPWVTAVLDALGPDTVRFEAKGTDR
AAWAAQLAQLREDEGEFHAVVSLLAAAEALHTDHGSVPLGLAQTLLLAQALGDAGLTAPLWCLTRGGVAAGRGDVLSSPV
QGALWGLGRVIGLEHPDRWGGLIDLPETVDTRAAARLTGLLADAGGEDQLAIRGSGVLARRLAHAAPAVPGSGKRPPVHG
SVLVTGGTGGIGGRVARRLAEQGAAHLVLTSRRGADAPGAAELRAELEQLGVRVTIAACDAADREALAALLAELPEDAPL
TAVFHSAGVAHDDAPVADLTLGQLDALMRAKLTAARHLHELTADLDLDAFVLFSSGAAVWGSGGQPGYAAANAYLDALAE
HRRSLGLTASSVAWGTWGEVGMATDPEVHDRLVRQGVLAMEPEHALGALDQMLENDDTAAAITLMDWEMFAPAFTANRPS
ALLSTVPEAVSALSDE
;
_entity_poly.pdbx_strand_id   A,B
#
# COMPACT_ATOMS: atom_id res chain seq x y z
N SER A 19 15.05 4.28 -3.03
CA SER A 19 16.22 4.71 -3.83
C SER A 19 15.74 5.03 -5.23
N HIS A 20 16.71 5.25 -6.10
CA HIS A 20 16.46 5.32 -7.52
C HIS A 20 15.92 3.97 -8.08
N MET A 21 16.53 2.86 -7.62
CA MET A 21 16.11 1.47 -8.01
C MET A 21 14.76 1.07 -7.44
N ASP A 22 14.46 1.43 -6.19
CA ASP A 22 13.15 1.17 -5.58
C ASP A 22 12.09 1.88 -6.38
N ALA A 23 12.43 3.08 -6.83
CA ALA A 23 11.45 3.88 -7.56
C ALA A 23 11.02 3.28 -8.88
N LEU A 24 11.82 2.35 -9.42
CA LEU A 24 11.41 1.70 -10.69
C LEU A 24 10.50 0.53 -10.42
N ARG A 25 10.33 0.05 -9.20
CA ARG A 25 9.56 -1.19 -9.01
C ARG A 25 8.12 -0.94 -8.58
N TYR A 26 7.25 -1.60 -9.33
CA TYR A 26 5.79 -1.54 -9.07
C TYR A 26 5.26 -2.95 -8.95
N HIS A 27 4.13 -3.11 -8.31
CA HIS A 27 3.53 -4.38 -8.38
C HIS A 27 2.02 -4.32 -8.50
N ILE A 28 1.42 -5.41 -8.99
CA ILE A 28 -0.04 -5.56 -9.05
C ILE A 28 -0.52 -6.06 -7.71
N GLU A 29 -1.60 -5.40 -7.26
CA GLU A 29 -2.35 -5.84 -6.05
C GLU A 29 -3.83 -5.93 -6.46
N TRP A 30 -4.62 -6.49 -5.58
CA TRP A 30 -6.08 -6.64 -5.79
C TRP A 30 -6.75 -6.06 -4.54
N ASN A 31 -7.57 -5.06 -4.74
CA ASN A 31 -8.26 -4.37 -3.62
C ASN A 31 -9.77 -4.63 -3.71
N ARG A 32 -10.39 -4.74 -2.54
CA ARG A 32 -11.90 -4.86 -2.55
C ARG A 32 -12.61 -3.64 -3.06
N VAL A 33 -13.62 -3.87 -3.93
CA VAL A 33 -14.43 -2.77 -4.50
C VAL A 33 -15.86 -2.99 -4.00
N ALA A 34 -16.74 -2.08 -4.42
CA ALA A 34 -18.14 -2.03 -3.93
C ALA A 34 -18.89 -3.28 -4.34
N GLU A 35 -19.80 -3.72 -3.51
CA GLU A 35 -20.72 -4.80 -3.96
C GLU A 35 -21.54 -4.25 -5.05
N PRO A 36 -21.81 -4.99 -6.11
CA PRO A 36 -22.60 -4.36 -7.19
C PRO A 36 -24.11 -4.38 -6.82
N GLY A 37 -24.92 -3.78 -7.69
CA GLY A 37 -26.38 -3.75 -7.45
C GLY A 37 -26.93 -5.17 -7.57
N THR A 38 -28.25 -5.26 -7.33
CA THR A 38 -28.97 -6.50 -7.29
C THR A 38 -29.81 -6.78 -8.54
N ALA A 39 -29.88 -5.90 -9.52
CA ALA A 39 -30.71 -6.05 -10.75
C ALA A 39 -29.84 -6.57 -11.86
N ARG A 40 -30.37 -7.54 -12.56
CA ARG A 40 -29.94 -8.03 -13.87
C ARG A 40 -29.75 -6.83 -14.80
N PRO A 41 -28.89 -7.01 -15.80
CA PRO A 41 -28.92 -6.11 -16.93
C PRO A 41 -30.31 -6.00 -17.56
N ALA A 42 -30.74 -4.78 -17.86
CA ALA A 42 -32.07 -4.50 -18.44
C ALA A 42 -32.26 -5.09 -19.82
N GLY A 43 -31.28 -4.83 -20.69
CA GLY A 43 -31.38 -5.37 -22.02
C GLY A 43 -30.81 -6.76 -22.18
N ARG A 44 -30.77 -7.25 -23.41
CA ARG A 44 -30.43 -8.59 -23.65
C ARG A 44 -28.90 -8.80 -23.68
N LEU A 45 -28.45 -9.88 -23.07
CA LEU A 45 -27.05 -10.22 -23.21
C LEU A 45 -26.86 -11.13 -24.35
N LEU A 46 -25.64 -11.14 -24.93
CA LEU A 46 -25.23 -12.12 -25.89
C LEU A 46 -24.11 -12.88 -25.31
N ALA A 47 -24.28 -14.21 -25.16
CA ALA A 47 -23.18 -15.01 -24.61
C ALA A 47 -22.50 -15.75 -25.74
N VAL A 48 -21.19 -15.76 -25.71
CA VAL A 48 -20.40 -16.41 -26.79
C VAL A 48 -19.70 -17.63 -26.22
N ILE A 49 -19.92 -18.81 -26.81
CA ILE A 49 -19.45 -20.07 -26.28
C ILE A 49 -18.54 -20.76 -27.32
N SER A 50 -17.45 -21.42 -26.89
CA SER A 50 -16.64 -22.20 -27.84
C SER A 50 -17.24 -23.59 -27.77
N PRO A 51 -17.88 -24.08 -28.84
CA PRO A 51 -18.75 -25.20 -28.73
C PRO A 51 -18.05 -26.53 -28.40
N ASP A 52 -16.76 -26.69 -28.66
CA ASP A 52 -16.03 -27.89 -28.20
C ASP A 52 -15.51 -27.79 -26.76
N HIS A 53 -15.76 -26.63 -26.17
CA HIS A 53 -15.17 -26.33 -24.89
C HIS A 53 -16.16 -25.56 -24.05
N ALA A 54 -17.34 -26.12 -23.95
CA ALA A 54 -18.44 -25.55 -23.22
C ALA A 54 -18.89 -26.39 -22.01
N GLY A 55 -18.13 -27.40 -21.62
CA GLY A 55 -18.47 -28.33 -20.53
C GLY A 55 -17.95 -28.10 -19.15
N ALA A 56 -17.07 -27.10 -19.00
CA ALA A 56 -16.40 -26.87 -17.69
C ALA A 56 -17.49 -26.39 -16.76
N PRO A 57 -17.41 -26.78 -15.48
CA PRO A 57 -18.44 -26.37 -14.52
C PRO A 57 -18.62 -24.87 -14.54
N TRP A 58 -17.54 -24.08 -14.64
CA TRP A 58 -17.77 -22.67 -14.56
C TRP A 58 -18.62 -22.12 -15.73
N VAL A 59 -18.41 -22.72 -16.91
CA VAL A 59 -19.13 -22.23 -18.10
C VAL A 59 -20.62 -22.52 -17.91
N THR A 60 -20.97 -23.73 -17.41
CA THR A 60 -22.40 -23.98 -17.05
C THR A 60 -22.93 -23.05 -16.03
N ALA A 61 -22.14 -22.73 -15.00
CA ALA A 61 -22.63 -21.89 -13.91
C ALA A 61 -22.86 -20.48 -14.46
N VAL A 62 -21.93 -19.99 -15.32
CA VAL A 62 -22.15 -18.65 -15.93
C VAL A 62 -23.39 -18.60 -16.83
N LEU A 63 -23.50 -19.61 -17.74
CA LEU A 63 -24.67 -19.61 -18.60
C LEU A 63 -25.95 -19.66 -17.77
N ASP A 64 -25.92 -20.48 -16.69
CA ASP A 64 -27.12 -20.48 -15.83
C ASP A 64 -27.39 -19.14 -15.14
N ALA A 65 -26.34 -18.47 -14.68
CA ALA A 65 -26.53 -17.10 -14.11
C ALA A 65 -27.01 -16.06 -15.11
N LEU A 66 -26.67 -16.16 -16.39
CA LEU A 66 -27.10 -15.15 -17.34
C LEU A 66 -28.63 -15.32 -17.66
N GLY A 67 -29.16 -16.50 -17.37
CA GLY A 67 -30.62 -16.70 -17.65
C GLY A 67 -30.92 -17.16 -19.04
N PRO A 68 -32.12 -17.72 -19.19
CA PRO A 68 -32.50 -18.29 -20.43
C PRO A 68 -32.87 -17.27 -21.52
N ASP A 69 -33.08 -15.98 -21.19
CA ASP A 69 -33.35 -14.95 -22.20
C ASP A 69 -32.08 -14.50 -22.91
N THR A 70 -30.93 -14.81 -22.36
CA THR A 70 -29.67 -14.46 -23.01
C THR A 70 -29.54 -15.17 -24.34
N VAL A 71 -29.14 -14.47 -25.39
CA VAL A 71 -28.92 -15.10 -26.68
C VAL A 71 -27.57 -15.76 -26.76
N ARG A 72 -27.50 -16.98 -27.31
CA ARG A 72 -26.28 -17.71 -27.39
C ARG A 72 -25.69 -17.79 -28.78
N PHE A 73 -24.40 -17.52 -28.88
CA PHE A 73 -23.65 -17.62 -30.14
C PHE A 73 -22.51 -18.57 -29.99
N GLU A 74 -22.52 -19.66 -30.73
CA GLU A 74 -21.44 -20.58 -30.75
C GLU A 74 -20.40 -20.15 -31.76
N ALA A 75 -19.20 -19.85 -31.29
CA ALA A 75 -18.14 -19.41 -32.17
C ALA A 75 -17.36 -20.59 -32.67
N LYS A 76 -17.63 -21.01 -33.89
CA LYS A 76 -17.02 -22.25 -34.42
C LYS A 76 -15.76 -22.02 -35.20
N GLY A 77 -14.70 -22.72 -34.85
CA GLY A 77 -13.46 -22.55 -35.57
C GLY A 77 -12.82 -21.17 -35.35
N THR A 78 -12.26 -20.65 -36.41
CA THR A 78 -11.57 -19.35 -36.36
C THR A 78 -11.79 -18.67 -37.68
N ASP A 79 -13.01 -18.20 -37.92
CA ASP A 79 -13.32 -17.67 -39.25
C ASP A 79 -13.96 -16.30 -39.02
N ARG A 80 -13.12 -15.28 -39.09
CA ARG A 80 -13.56 -13.90 -38.92
C ARG A 80 -14.77 -13.48 -39.79
N ALA A 81 -14.61 -13.69 -41.08
CA ALA A 81 -15.68 -13.36 -42.05
C ALA A 81 -16.96 -14.10 -41.81
N ALA A 82 -16.87 -15.39 -41.41
CA ALA A 82 -18.14 -16.08 -41.17
C ALA A 82 -18.81 -15.63 -39.88
N TRP A 83 -17.98 -15.36 -38.87
CA TRP A 83 -18.57 -14.83 -37.65
C TRP A 83 -19.12 -13.47 -37.77
N ALA A 84 -18.45 -12.58 -38.55
CA ALA A 84 -19.02 -11.27 -38.78
C ALA A 84 -20.46 -11.38 -39.39
N ALA A 85 -20.61 -12.31 -40.30
CA ALA A 85 -21.90 -12.47 -40.94
C ALA A 85 -22.96 -13.03 -39.98
N GLN A 86 -22.56 -13.99 -39.11
CA GLN A 86 -23.51 -14.54 -38.14
C GLN A 86 -23.89 -13.52 -37.08
N LEU A 87 -22.87 -12.77 -36.64
CA LEU A 87 -23.15 -11.73 -35.71
C LEU A 87 -24.00 -10.57 -36.28
N ALA A 88 -23.75 -10.23 -37.53
CA ALA A 88 -24.59 -9.23 -38.19
C ALA A 88 -26.09 -9.65 -38.20
N GLN A 89 -26.30 -10.92 -38.46
CA GLN A 89 -27.69 -11.51 -38.42
C GLN A 89 -28.32 -11.47 -37.02
N LEU A 90 -27.57 -11.88 -35.98
CA LEU A 90 -28.10 -11.73 -34.64
C LEU A 90 -28.49 -10.34 -34.26
N ARG A 91 -27.66 -9.41 -34.71
CA ARG A 91 -27.78 -8.05 -34.34
C ARG A 91 -29.07 -7.46 -34.93
N GLU A 92 -29.61 -8.02 -35.93
CA GLU A 92 -30.75 -7.39 -36.57
C GLU A 92 -32.02 -8.12 -36.11
N ASP A 93 -31.93 -9.45 -36.10
CA ASP A 93 -32.90 -10.37 -35.50
C ASP A 93 -33.22 -9.99 -34.07
N GLU A 94 -32.16 -9.93 -33.24
CA GLU A 94 -32.31 -9.67 -31.83
C GLU A 94 -32.27 -8.19 -31.46
N GLY A 95 -31.70 -7.33 -32.30
CA GLY A 95 -31.58 -5.90 -31.97
C GLY A 95 -30.32 -5.62 -31.16
N GLU A 96 -30.21 -4.46 -30.55
CA GLU A 96 -29.01 -4.10 -29.83
C GLU A 96 -28.88 -4.85 -28.48
N PHE A 97 -27.66 -5.13 -28.09
CA PHE A 97 -27.46 -5.99 -26.87
C PHE A 97 -26.95 -5.04 -25.74
N HIS A 98 -27.12 -5.47 -24.49
CA HIS A 98 -26.62 -4.74 -23.38
C HIS A 98 -25.06 -4.95 -23.30
N ALA A 99 -24.66 -6.23 -23.50
CA ALA A 99 -23.23 -6.54 -23.42
C ALA A 99 -23.05 -7.86 -24.04
N VAL A 100 -21.81 -8.09 -24.46
CA VAL A 100 -21.38 -9.40 -24.97
C VAL A 100 -20.57 -10.09 -23.96
N VAL A 101 -20.94 -11.30 -23.58
CA VAL A 101 -20.23 -12.05 -22.47
C VAL A 101 -19.56 -13.22 -23.10
N SER A 102 -18.18 -13.16 -23.18
CA SER A 102 -17.46 -14.29 -23.81
C SER A 102 -17.03 -15.27 -22.79
N LEU A 103 -17.29 -16.55 -23.10
CA LEU A 103 -16.88 -17.72 -22.33
C LEU A 103 -15.79 -18.49 -23.15
N LEU A 104 -15.22 -17.83 -24.14
CA LEU A 104 -14.14 -18.48 -24.97
C LEU A 104 -12.91 -18.86 -24.30
N ALA A 105 -12.62 -18.29 -23.14
CA ALA A 105 -11.40 -18.67 -22.41
C ALA A 105 -11.34 -20.16 -21.96
N ALA A 106 -12.50 -20.75 -21.88
CA ALA A 106 -12.51 -22.16 -21.51
C ALA A 106 -11.83 -23.04 -22.55
N ALA A 107 -11.67 -22.60 -23.79
CA ALA A 107 -10.97 -23.35 -24.79
C ALA A 107 -9.45 -23.16 -24.57
N GLU A 108 -8.85 -24.08 -23.88
CA GLU A 108 -7.43 -23.92 -23.49
C GLU A 108 -6.59 -24.76 -24.46
N ALA A 109 -7.18 -25.75 -25.17
CA ALA A 109 -6.38 -26.54 -26.12
C ALA A 109 -5.76 -25.68 -27.20
N LEU A 110 -4.55 -26.06 -27.59
CA LEU A 110 -3.86 -25.30 -28.62
C LEU A 110 -4.56 -25.38 -29.97
N HIS A 111 -4.62 -24.28 -30.72
CA HIS A 111 -5.20 -24.31 -32.06
C HIS A 111 -4.40 -25.29 -32.96
N THR A 112 -5.13 -26.09 -33.74
CA THR A 112 -4.49 -27.13 -34.62
C THR A 112 -3.58 -26.57 -35.71
N ASP A 113 -3.82 -25.35 -36.16
CA ASP A 113 -2.97 -24.74 -37.16
C ASP A 113 -1.93 -23.77 -36.61
N HIS A 114 -2.04 -23.43 -35.30
CA HIS A 114 -1.16 -22.37 -34.73
C HIS A 114 -0.80 -22.92 -33.35
N GLY A 115 0.28 -23.68 -33.30
CA GLY A 115 0.51 -24.53 -32.14
C GLY A 115 0.96 -23.85 -30.90
N SER A 116 1.20 -22.54 -30.96
CA SER A 116 1.52 -21.73 -29.78
C SER A 116 0.36 -20.90 -29.31
N VAL A 117 -0.76 -21.01 -29.95
CA VAL A 117 -1.95 -20.09 -29.62
C VAL A 117 -3.04 -20.98 -29.05
N PRO A 118 -3.39 -20.76 -27.80
CA PRO A 118 -4.60 -21.42 -27.25
C PRO A 118 -5.83 -21.07 -28.05
N LEU A 119 -6.69 -22.05 -28.31
CA LEU A 119 -7.85 -21.84 -29.13
C LEU A 119 -8.67 -20.66 -28.63
N GLY A 120 -8.88 -20.55 -27.32
CA GLY A 120 -9.79 -19.54 -26.75
C GLY A 120 -9.13 -18.14 -26.97
N LEU A 121 -7.79 -18.07 -26.99
CA LEU A 121 -7.16 -16.72 -27.24
C LEU A 121 -7.39 -16.39 -28.70
N ALA A 122 -7.14 -17.37 -29.62
CA ALA A 122 -7.41 -17.07 -31.02
C ALA A 122 -8.88 -16.64 -31.25
N GLN A 123 -9.79 -17.36 -30.63
CA GLN A 123 -11.24 -17.06 -30.84
C GLN A 123 -11.62 -15.72 -30.19
N THR A 124 -10.96 -15.33 -29.07
CA THR A 124 -11.29 -14.03 -28.43
C THR A 124 -10.86 -12.93 -29.40
N LEU A 125 -9.61 -13.10 -29.99
CA LEU A 125 -9.15 -12.00 -30.93
C LEU A 125 -10.17 -11.91 -32.06
N LEU A 126 -10.59 -13.03 -32.66
CA LEU A 126 -11.45 -13.03 -33.79
C LEU A 126 -12.82 -12.51 -33.41
N LEU A 127 -13.30 -12.80 -32.19
CA LEU A 127 -14.60 -12.23 -31.72
C LEU A 127 -14.44 -10.69 -31.66
N ALA A 128 -13.36 -10.18 -30.99
CA ALA A 128 -13.23 -8.72 -30.95
C ALA A 128 -13.26 -8.16 -32.36
N GLN A 129 -12.53 -8.83 -33.27
CA GLN A 129 -12.50 -8.27 -34.62
C GLN A 129 -13.92 -8.37 -35.33
N ALA A 130 -14.58 -9.49 -35.22
CA ALA A 130 -15.87 -9.68 -35.91
C ALA A 130 -16.98 -8.81 -35.32
N LEU A 131 -16.94 -8.49 -34.04
CA LEU A 131 -17.92 -7.65 -33.43
C LEU A 131 -17.74 -6.26 -34.07
N GLY A 132 -16.49 -5.78 -34.09
CA GLY A 132 -16.30 -4.51 -34.80
C GLY A 132 -16.80 -4.56 -36.25
N ASP A 133 -16.44 -5.69 -36.97
CA ASP A 133 -16.83 -5.79 -38.38
C ASP A 133 -18.35 -5.67 -38.58
N ALA A 134 -19.09 -6.31 -37.67
CA ALA A 134 -20.54 -6.36 -37.75
C ALA A 134 -21.25 -5.19 -37.13
N GLY A 135 -20.51 -4.32 -36.45
CA GLY A 135 -21.19 -3.15 -35.91
C GLY A 135 -21.98 -3.47 -34.65
N LEU A 136 -21.63 -4.54 -33.96
CA LEU A 136 -22.15 -4.67 -32.61
C LEU A 136 -21.37 -3.83 -31.65
N THR A 137 -22.09 -3.01 -30.92
CA THR A 137 -21.39 -1.99 -30.07
C THR A 137 -21.52 -2.27 -28.61
N ALA A 138 -22.24 -3.36 -28.22
CA ALA A 138 -22.44 -3.67 -26.80
C ALA A 138 -21.01 -3.98 -26.22
N PRO A 139 -20.73 -3.57 -24.98
CA PRO A 139 -19.40 -3.78 -24.51
C PRO A 139 -19.13 -5.27 -24.29
N LEU A 140 -17.88 -5.65 -24.64
CA LEU A 140 -17.44 -7.03 -24.50
C LEU A 140 -16.81 -7.28 -23.16
N TRP A 141 -17.30 -8.34 -22.49
CA TRP A 141 -16.65 -8.80 -21.26
C TRP A 141 -16.06 -10.18 -21.53
N CYS A 142 -14.82 -10.34 -21.11
CA CYS A 142 -14.14 -11.63 -21.29
C CYS A 142 -14.04 -12.26 -19.93
N LEU A 143 -14.65 -13.45 -19.70
CA LEU A 143 -14.59 -14.14 -18.37
C LEU A 143 -13.53 -15.19 -18.40
N THR A 144 -12.90 -15.36 -17.20
CA THR A 144 -11.88 -16.41 -17.05
C THR A 144 -12.15 -17.08 -15.74
N ARG A 145 -11.53 -18.24 -15.56
CA ARG A 145 -11.56 -18.96 -14.25
C ARG A 145 -10.17 -19.39 -13.93
N GLY A 146 -9.60 -18.75 -12.94
CA GLY A 146 -8.19 -19.07 -12.55
C GLY A 146 -7.13 -18.50 -13.42
N GLY A 147 -7.49 -17.37 -14.04
CA GLY A 147 -6.56 -16.67 -14.88
C GLY A 147 -5.69 -15.57 -14.17
N VAL A 148 -6.09 -15.26 -12.92
CA VAL A 148 -5.33 -14.28 -12.12
C VAL A 148 -5.22 -14.86 -10.70
N ALA A 149 -4.24 -14.32 -9.95
CA ALA A 149 -4.09 -14.63 -8.55
C ALA A 149 -4.53 -13.41 -7.81
N ALA A 150 -5.74 -13.47 -7.24
CA ALA A 150 -6.35 -12.31 -6.62
C ALA A 150 -6.85 -12.64 -5.24
N GLY A 151 -6.26 -11.97 -4.24
CA GLY A 151 -6.71 -12.24 -2.88
C GLY A 151 -5.77 -13.23 -2.21
N ARG A 152 -5.74 -13.16 -0.88
CA ARG A 152 -4.73 -13.84 -0.06
C ARG A 152 -4.82 -15.31 -0.28
N GLY A 153 -3.82 -16.07 -0.68
CA GLY A 153 -4.08 -17.50 -0.84
C GLY A 153 -4.61 -17.98 -2.16
N ASP A 154 -4.84 -17.07 -3.09
CA ASP A 154 -5.57 -17.45 -4.27
C ASP A 154 -4.65 -18.24 -5.15
N VAL A 155 -5.19 -19.19 -5.88
CA VAL A 155 -4.38 -20.06 -6.76
C VAL A 155 -4.70 -19.71 -8.21
N LEU A 156 -3.68 -19.33 -9.01
CA LEU A 156 -3.82 -19.08 -10.44
C LEU A 156 -3.67 -20.48 -11.05
N SER A 157 -4.81 -21.07 -11.41
CA SER A 157 -4.86 -22.46 -11.89
C SER A 157 -4.74 -22.59 -13.39
N SER A 158 -4.98 -21.49 -14.15
CA SER A 158 -4.88 -21.55 -15.59
C SER A 158 -4.05 -20.40 -16.22
N PRO A 159 -2.71 -20.57 -16.29
CA PRO A 159 -1.94 -19.56 -16.99
C PRO A 159 -2.31 -19.30 -18.40
N VAL A 160 -2.86 -20.31 -19.08
CA VAL A 160 -3.32 -20.05 -20.49
C VAL A 160 -4.42 -19.00 -20.49
N GLN A 161 -5.36 -19.09 -19.54
CA GLN A 161 -6.47 -18.08 -19.51
C GLN A 161 -5.88 -16.74 -19.09
N GLY A 162 -4.81 -16.74 -18.26
CA GLY A 162 -4.11 -15.54 -17.95
C GLY A 162 -3.61 -14.73 -19.11
N ALA A 163 -3.23 -15.34 -20.25
CA ALA A 163 -2.89 -14.62 -21.44
C ALA A 163 -3.98 -13.76 -22.01
N LEU A 164 -5.26 -14.14 -21.85
CA LEU A 164 -6.39 -13.36 -22.25
C LEU A 164 -6.45 -12.00 -21.60
N TRP A 165 -5.93 -11.85 -20.35
CA TRP A 165 -5.95 -10.56 -19.73
C TRP A 165 -5.00 -9.61 -20.42
N GLY A 166 -3.87 -10.12 -20.91
CA GLY A 166 -2.97 -9.25 -21.65
C GLY A 166 -3.64 -8.75 -22.91
N LEU A 167 -4.29 -9.59 -23.70
CA LEU A 167 -5.03 -9.14 -24.84
C LEU A 167 -6.20 -8.21 -24.50
N GLY A 168 -6.94 -8.56 -23.45
CA GLY A 168 -8.12 -7.77 -23.12
C GLY A 168 -7.70 -6.29 -22.75
N ARG A 169 -6.62 -6.08 -21.98
CA ARG A 169 -6.30 -4.74 -21.64
C ARG A 169 -5.98 -3.94 -22.90
N VAL A 170 -5.33 -4.53 -23.91
CA VAL A 170 -5.07 -3.77 -25.13
C VAL A 170 -6.37 -3.53 -25.93
N ILE A 171 -7.30 -4.45 -25.94
CA ILE A 171 -8.66 -4.18 -26.55
C ILE A 171 -9.24 -2.98 -25.89
N GLY A 172 -9.08 -2.86 -24.56
CA GLY A 172 -9.62 -1.71 -23.80
C GLY A 172 -8.98 -0.36 -24.30
N LEU A 173 -7.67 -0.45 -24.66
CA LEU A 173 -6.98 0.79 -25.15
C LEU A 173 -7.27 1.09 -26.55
N GLU A 174 -7.53 0.08 -27.38
CA GLU A 174 -7.77 0.33 -28.84
C GLU A 174 -9.26 0.49 -29.22
N HIS A 175 -10.12 -0.13 -28.43
CA HIS A 175 -11.59 -0.07 -28.69
C HIS A 175 -12.25 0.20 -27.35
N PRO A 176 -11.91 1.33 -26.71
CA PRO A 176 -12.48 1.61 -25.36
C PRO A 176 -14.05 1.70 -25.33
N ASP A 177 -14.61 2.14 -26.44
CA ASP A 177 -16.05 2.36 -26.41
C ASP A 177 -16.85 1.11 -26.44
N ARG A 178 -16.28 0.00 -26.97
CA ARG A 178 -16.92 -1.30 -27.02
C ARG A 178 -16.32 -2.42 -26.15
N TRP A 179 -15.50 -1.99 -25.17
CA TRP A 179 -14.85 -2.89 -24.22
C TRP A 179 -15.51 -2.78 -22.89
N GLY A 180 -15.92 -3.93 -22.42
CA GLY A 180 -16.45 -4.03 -21.04
C GLY A 180 -15.32 -4.21 -20.01
N GLY A 181 -14.73 -5.39 -20.09
CA GLY A 181 -13.62 -5.66 -19.19
C GLY A 181 -13.41 -7.18 -19.03
N LEU A 182 -12.62 -7.50 -17.97
CA LEU A 182 -12.27 -8.85 -17.65
C LEU A 182 -12.82 -9.11 -16.25
N ILE A 183 -13.30 -10.37 -16.08
CA ILE A 183 -13.77 -10.88 -14.75
C ILE A 183 -13.31 -12.30 -14.63
N ASP A 184 -12.56 -12.56 -13.52
CA ASP A 184 -12.25 -13.94 -13.15
C ASP A 184 -13.27 -14.45 -12.18
N LEU A 185 -13.73 -15.70 -12.44
CA LEU A 185 -14.67 -16.33 -11.56
C LEU A 185 -14.00 -17.21 -10.58
N PRO A 186 -14.68 -17.46 -9.43
CA PRO A 186 -14.16 -18.42 -8.45
C PRO A 186 -14.45 -19.84 -8.90
N GLU A 187 -13.88 -20.81 -8.13
CA GLU A 187 -14.07 -22.25 -8.40
C GLU A 187 -15.47 -22.70 -8.39
N THR A 188 -16.14 -22.21 -7.40
CA THR A 188 -17.59 -22.51 -7.33
C THR A 188 -18.40 -21.24 -7.53
N VAL A 189 -19.21 -21.21 -8.60
CA VAL A 189 -20.07 -20.01 -8.80
C VAL A 189 -21.40 -20.21 -8.06
N ASP A 190 -21.47 -19.88 -6.75
CA ASP A 190 -22.66 -19.97 -5.96
C ASP A 190 -23.52 -18.74 -6.18
N THR A 191 -24.60 -18.62 -5.39
CA THR A 191 -25.51 -17.53 -5.72
C THR A 191 -24.90 -16.18 -5.41
N ARG A 192 -24.05 -16.02 -4.39
CA ARG A 192 -23.39 -14.73 -4.14
C ARG A 192 -22.50 -14.42 -5.29
N ALA A 193 -21.73 -15.41 -5.77
CA ALA A 193 -20.87 -15.21 -6.97
C ALA A 193 -21.60 -14.81 -8.24
N ALA A 194 -22.67 -15.56 -8.56
CA ALA A 194 -23.55 -15.27 -9.67
C ALA A 194 -24.13 -13.84 -9.64
N ALA A 195 -24.60 -13.40 -8.46
CA ALA A 195 -25.15 -12.07 -8.29
C ALA A 195 -24.10 -10.98 -8.45
N ARG A 196 -22.89 -11.25 -8.00
CA ARG A 196 -21.80 -10.32 -8.20
C ARG A 196 -21.58 -10.20 -9.72
N LEU A 197 -21.55 -11.34 -10.44
CA LEU A 197 -21.35 -11.31 -11.88
C LEU A 197 -22.40 -10.50 -12.64
N THR A 198 -23.66 -10.84 -12.43
CA THR A 198 -24.71 -10.21 -13.18
C THR A 198 -24.89 -8.75 -12.73
N GLY A 199 -24.59 -8.48 -11.47
CA GLY A 199 -24.51 -7.02 -10.98
C GLY A 199 -23.46 -6.28 -11.76
N LEU A 200 -22.27 -6.84 -11.86
CA LEU A 200 -21.21 -6.08 -12.58
C LEU A 200 -21.56 -5.89 -14.01
N LEU A 201 -22.19 -6.89 -14.65
CA LEU A 201 -22.60 -6.73 -16.07
C LEU A 201 -23.65 -5.57 -16.17
N ALA A 202 -24.50 -5.37 -15.14
CA ALA A 202 -25.39 -4.26 -15.17
C ALA A 202 -24.71 -2.92 -15.02
N ASP A 203 -23.75 -2.81 -14.07
CA ASP A 203 -22.94 -1.63 -13.90
C ASP A 203 -21.75 -2.04 -13.02
N ALA A 204 -20.56 -1.78 -13.53
CA ALA A 204 -19.39 -2.10 -12.83
C ALA A 204 -18.69 -0.92 -12.22
N GLY A 205 -19.35 0.26 -12.24
CA GLY A 205 -18.80 1.43 -11.53
C GLY A 205 -17.44 1.79 -12.05
N GLY A 206 -17.25 1.61 -13.38
CA GLY A 206 -15.95 2.06 -13.95
C GLY A 206 -14.84 1.07 -13.74
N GLU A 207 -15.05 0.02 -12.97
CA GLU A 207 -14.03 -1.05 -12.95
C GLU A 207 -14.09 -2.00 -14.16
N ASP A 208 -12.91 -2.54 -14.51
CA ASP A 208 -12.86 -3.38 -15.74
C ASP A 208 -11.86 -4.53 -15.65
N GLN A 209 -11.17 -4.71 -14.52
CA GLN A 209 -10.27 -5.87 -14.32
C GLN A 209 -10.66 -6.39 -12.91
N LEU A 210 -11.55 -7.40 -12.89
CA LEU A 210 -12.20 -7.76 -11.63
C LEU A 210 -12.09 -9.25 -11.32
N ALA A 211 -12.01 -9.57 -10.05
CA ALA A 211 -12.00 -11.02 -9.62
C ALA A 211 -13.12 -11.16 -8.64
N ILE A 212 -14.02 -12.11 -8.95
CA ILE A 212 -15.08 -12.45 -8.02
C ILE A 212 -14.60 -13.56 -7.06
N ARG A 213 -14.65 -13.33 -5.71
CA ARG A 213 -14.12 -14.35 -4.79
C ARG A 213 -15.10 -14.49 -3.68
N GLY A 214 -14.79 -15.48 -2.83
CA GLY A 214 -15.74 -15.85 -1.71
C GLY A 214 -16.00 -14.62 -0.84
N SER A 215 -14.95 -13.86 -0.57
CA SER A 215 -15.08 -12.69 0.36
C SER A 215 -15.53 -11.39 -0.29
N GLY A 216 -15.68 -11.41 -1.61
CA GLY A 216 -16.09 -10.17 -2.23
C GLY A 216 -15.57 -10.02 -3.65
N VAL A 217 -15.81 -8.84 -4.22
CA VAL A 217 -15.29 -8.52 -5.54
C VAL A 217 -14.02 -7.67 -5.33
N LEU A 218 -12.97 -8.14 -6.02
CA LEU A 218 -11.65 -7.52 -5.97
C LEU A 218 -11.36 -6.94 -7.33
N ALA A 219 -10.61 -5.84 -7.32
CA ALA A 219 -10.21 -5.24 -8.61
C ALA A 219 -8.66 -5.01 -8.62
N ARG A 220 -8.17 -4.94 -9.81
CA ARG A 220 -6.73 -4.94 -10.07
C ARG A 220 -6.19 -3.53 -9.97
N ARG A 221 -5.01 -3.44 -9.35
CA ARG A 221 -4.41 -2.14 -8.99
C ARG A 221 -2.92 -2.18 -9.19
N LEU A 222 -2.36 -1.07 -9.67
CA LEU A 222 -0.90 -0.99 -9.78
C LEU A 222 -0.41 -0.08 -8.65
N ALA A 223 0.64 -0.52 -7.95
CA ALA A 223 1.13 0.26 -6.85
C ALA A 223 2.64 0.31 -6.87
N HIS A 224 3.27 1.33 -6.25
CA HIS A 224 4.69 1.24 -6.00
C HIS A 224 4.98 0.07 -5.06
N ALA A 225 6.07 -0.62 -5.39
CA ALA A 225 6.46 -1.81 -4.59
C ALA A 225 7.12 -1.34 -3.32
N ALA A 226 7.16 -2.27 -2.42
CA ALA A 226 7.78 -1.88 -1.12
C ALA A 226 9.26 -1.65 -1.30
N PRO A 227 9.86 -0.66 -0.56
CA PRO A 227 11.30 -0.38 -0.76
C PRO A 227 12.08 -1.62 -0.31
N ALA A 228 13.25 -1.80 -0.90
CA ALA A 228 14.11 -3.00 -0.68
C ALA A 228 14.74 -2.92 0.76
N VAL A 229 14.93 -4.07 1.34
CA VAL A 229 15.48 -4.15 2.71
C VAL A 229 17.00 -4.67 2.69
N PRO A 230 17.99 -3.76 2.82
CA PRO A 230 19.32 -4.27 3.11
C PRO A 230 19.40 -5.30 4.25
N GLY A 231 20.19 -6.35 4.01
CA GLY A 231 20.45 -7.36 5.01
C GLY A 231 19.31 -8.34 5.15
N SER A 232 18.31 -8.31 4.24
CA SER A 232 17.12 -9.15 4.39
C SER A 232 16.98 -10.15 3.23
N GLY A 233 18.03 -10.27 2.44
CA GLY A 233 17.93 -11.04 1.17
C GLY A 233 17.63 -12.52 1.38
N LYS A 234 16.89 -13.08 0.45
CA LYS A 234 16.40 -14.46 0.64
C LYS A 234 17.18 -15.33 -0.37
N ARG A 235 17.73 -14.67 -1.38
CA ARG A 235 18.30 -15.24 -2.58
C ARG A 235 19.48 -16.14 -2.20
N PRO A 236 19.51 -17.40 -2.70
CA PRO A 236 20.81 -18.08 -2.47
C PRO A 236 21.92 -17.57 -3.37
N PRO A 237 23.21 -17.69 -2.98
CA PRO A 237 24.29 -17.12 -3.82
C PRO A 237 24.39 -17.75 -5.23
N VAL A 238 24.60 -16.94 -6.27
CA VAL A 238 24.66 -17.46 -7.68
C VAL A 238 25.77 -18.49 -7.78
N HIS A 239 25.48 -19.66 -8.34
CA HIS A 239 26.40 -20.79 -8.52
C HIS A 239 25.92 -21.86 -9.47
N GLY A 240 26.72 -22.94 -9.65
CA GLY A 240 26.31 -24.00 -10.57
C GLY A 240 26.15 -23.45 -12.00
N SER A 241 25.26 -24.10 -12.76
CA SER A 241 24.96 -23.61 -14.12
C SER A 241 23.72 -22.71 -14.10
N VAL A 242 23.79 -21.61 -14.86
CA VAL A 242 22.59 -20.72 -14.99
C VAL A 242 22.34 -20.56 -16.48
N LEU A 243 21.07 -20.84 -16.88
CA LEU A 243 20.64 -20.72 -18.26
C LEU A 243 19.99 -19.35 -18.52
N VAL A 244 20.54 -18.65 -19.48
CA VAL A 244 19.94 -17.35 -19.91
C VAL A 244 19.51 -17.56 -21.36
N THR A 245 18.20 -17.70 -21.58
CA THR A 245 17.68 -17.70 -22.99
C THR A 245 17.70 -16.27 -23.51
N GLY A 246 18.00 -16.15 -24.78
CA GLY A 246 18.29 -14.81 -25.37
C GLY A 246 19.45 -14.17 -24.69
N GLY A 247 20.40 -15.03 -24.26
CA GLY A 247 21.49 -14.55 -23.40
C GLY A 247 22.70 -14.02 -24.16
N THR A 248 22.66 -14.07 -25.49
CA THR A 248 23.81 -13.58 -26.32
C THR A 248 23.90 -12.05 -26.60
N GLY A 249 22.85 -11.31 -26.29
CA GLY A 249 22.82 -9.85 -26.54
C GLY A 249 21.60 -9.28 -25.88
N GLY A 250 21.35 -7.97 -26.12
CA GLY A 250 20.22 -7.30 -25.56
C GLY A 250 20.22 -7.43 -24.05
N ILE A 251 19.04 -7.48 -23.50
CA ILE A 251 18.91 -7.44 -22.03
C ILE A 251 19.46 -8.72 -21.47
N GLY A 252 19.26 -9.85 -22.15
CA GLY A 252 19.77 -11.10 -21.60
C GLY A 252 21.27 -11.13 -21.48
N GLY A 253 21.94 -10.57 -22.48
CA GLY A 253 23.38 -10.35 -22.35
C GLY A 253 23.88 -9.53 -21.14
N ARG A 254 23.15 -8.47 -20.85
CA ARG A 254 23.47 -7.63 -19.72
C ARG A 254 23.24 -8.46 -18.44
N VAL A 255 22.13 -9.19 -18.39
CA VAL A 255 21.87 -10.07 -17.24
C VAL A 255 22.98 -11.05 -17.08
N ALA A 256 23.45 -11.70 -18.15
CA ALA A 256 24.52 -12.67 -18.04
C ALA A 256 25.79 -12.02 -17.47
N ARG A 257 26.09 -10.78 -17.90
CA ARG A 257 27.27 -10.11 -17.39
C ARG A 257 27.12 -9.89 -15.87
N ARG A 258 25.94 -9.54 -15.39
CA ARG A 258 25.80 -9.34 -13.93
C ARG A 258 25.96 -10.62 -13.21
N LEU A 259 25.36 -11.67 -13.75
CA LEU A 259 25.50 -12.97 -13.09
C LEU A 259 26.96 -13.40 -13.02
N ALA A 260 27.75 -13.15 -14.07
CA ALA A 260 29.22 -13.40 -14.04
C ALA A 260 29.88 -12.58 -12.96
N GLU A 261 29.49 -11.36 -12.86
CA GLU A 261 30.15 -10.73 -11.70
C GLU A 261 29.77 -11.15 -10.33
N GLN A 262 28.52 -11.62 -10.19
CA GLN A 262 28.06 -12.20 -8.94
C GLN A 262 28.44 -13.63 -8.66
N GLY A 263 29.32 -14.17 -9.53
CA GLY A 263 30.06 -15.42 -9.34
C GLY A 263 29.50 -16.71 -9.85
N ALA A 264 28.65 -16.68 -10.92
CA ALA A 264 28.12 -17.86 -11.51
C ALA A 264 29.31 -18.74 -11.87
N ALA A 265 29.21 -20.05 -11.69
CA ALA A 265 30.31 -20.90 -12.21
C ALA A 265 30.29 -21.01 -13.74
N HIS A 266 29.06 -21.14 -14.26
CA HIS A 266 28.91 -21.55 -15.60
C HIS A 266 27.61 -20.89 -16.15
N LEU A 267 27.76 -20.14 -17.24
CA LEU A 267 26.62 -19.50 -17.92
C LEU A 267 26.34 -20.26 -19.18
N VAL A 268 25.10 -20.66 -19.37
CA VAL A 268 24.67 -21.22 -20.62
C VAL A 268 23.74 -20.22 -21.33
N LEU A 269 24.25 -19.64 -22.40
CA LEU A 269 23.57 -18.60 -23.15
C LEU A 269 23.02 -19.14 -24.41
N THR A 270 21.72 -19.02 -24.62
CA THR A 270 21.15 -19.49 -25.89
C THR A 270 20.53 -18.39 -26.68
N SER A 271 20.44 -18.62 -27.99
CA SER A 271 19.65 -17.76 -28.84
C SER A 271 19.54 -18.50 -30.16
N ARG A 272 18.80 -17.90 -31.11
CA ARG A 272 18.51 -18.59 -32.37
C ARG A 272 19.82 -18.74 -33.12
N ARG A 273 20.66 -17.71 -33.05
CA ARG A 273 21.89 -17.69 -33.80
C ARG A 273 23.06 -18.33 -33.05
N GLY A 274 22.90 -18.47 -31.73
CA GLY A 274 24.02 -18.87 -30.84
C GLY A 274 25.31 -18.08 -30.99
N ALA A 275 26.39 -18.83 -31.28
CA ALA A 275 27.71 -18.25 -31.38
C ALA A 275 27.82 -17.23 -32.51
N ASP A 276 26.86 -17.27 -33.43
CA ASP A 276 26.81 -16.31 -34.55
C ASP A 276 25.96 -15.09 -34.30
N ALA A 277 25.35 -15.02 -33.12
CA ALA A 277 24.56 -13.85 -32.75
C ALA A 277 25.40 -12.56 -32.72
N PRO A 278 24.76 -11.39 -32.93
CA PRO A 278 25.61 -10.19 -33.02
C PRO A 278 26.17 -9.86 -31.66
N GLY A 279 27.48 -9.77 -31.56
CA GLY A 279 28.10 -9.42 -30.30
C GLY A 279 28.43 -10.62 -29.44
N ALA A 280 27.97 -11.84 -29.82
CA ALA A 280 28.15 -13.05 -28.99
C ALA A 280 29.59 -13.33 -28.60
N ALA A 281 30.48 -13.26 -29.58
CA ALA A 281 31.89 -13.58 -29.35
C ALA A 281 32.56 -12.64 -28.33
N GLU A 282 32.26 -11.34 -28.43
CA GLU A 282 32.84 -10.33 -27.56
C GLU A 282 32.27 -10.43 -26.16
N LEU A 283 30.96 -10.74 -26.10
CA LEU A 283 30.34 -11.13 -24.86
C LEU A 283 31.01 -12.36 -24.25
N ARG A 284 31.23 -13.44 -24.99
CA ARG A 284 31.86 -14.63 -24.34
C ARG A 284 33.24 -14.21 -23.81
N ALA A 285 33.97 -13.41 -24.57
CA ALA A 285 35.31 -13.02 -24.12
C ALA A 285 35.32 -12.14 -22.87
N GLU A 286 34.39 -11.18 -22.78
CA GLU A 286 34.17 -10.42 -21.54
C GLU A 286 33.80 -11.29 -20.31
N LEU A 287 32.84 -12.20 -20.46
CA LEU A 287 32.50 -13.20 -19.44
C LEU A 287 33.68 -14.01 -18.95
N GLU A 288 34.44 -14.53 -19.89
CA GLU A 288 35.48 -15.48 -19.57
C GLU A 288 36.61 -14.74 -18.85
N GLN A 289 36.78 -13.46 -19.17
CA GLN A 289 37.78 -12.65 -18.45
C GLN A 289 37.48 -12.59 -16.95
N LEU A 290 36.22 -12.79 -16.61
CA LEU A 290 35.73 -12.79 -15.25
C LEU A 290 35.94 -14.08 -14.48
N GLY A 291 36.36 -15.14 -15.13
CA GLY A 291 36.52 -16.41 -14.42
C GLY A 291 35.49 -17.44 -14.87
N VAL A 292 34.42 -16.98 -15.54
CA VAL A 292 33.25 -17.87 -15.85
C VAL A 292 33.37 -18.82 -17.00
N ARG A 293 32.95 -20.06 -16.78
CA ARG A 293 32.79 -21.03 -17.88
C ARG A 293 31.57 -20.56 -18.72
N VAL A 294 31.74 -20.32 -20.01
CA VAL A 294 30.62 -19.97 -20.92
C VAL A 294 30.38 -21.03 -21.91
N THR A 295 29.08 -21.35 -22.03
CA THR A 295 28.61 -22.17 -23.09
C THR A 295 27.62 -21.34 -23.86
N ILE A 296 27.81 -21.29 -25.16
CA ILE A 296 26.89 -20.60 -26.07
C ILE A 296 26.30 -21.62 -26.95
N ALA A 297 24.97 -21.69 -26.94
CA ALA A 297 24.30 -22.61 -27.87
C ALA A 297 23.24 -21.98 -28.75
N ALA A 298 23.12 -22.47 -29.99
CA ALA A 298 22.07 -22.00 -30.89
C ALA A 298 20.56 -22.42 -30.65
N CYS A 299 20.25 -22.84 -29.43
CA CYS A 299 19.07 -23.53 -28.99
C CYS A 299 17.82 -22.71 -28.88
N ASP A 300 16.72 -23.22 -29.40
CA ASP A 300 15.42 -22.52 -29.30
C ASP A 300 14.61 -23.27 -28.23
N ALA A 301 14.22 -22.62 -27.11
CA ALA A 301 13.51 -23.35 -26.07
C ALA A 301 12.13 -23.81 -26.46
N ALA A 302 11.55 -23.21 -27.49
CA ALA A 302 10.27 -23.75 -27.99
C ALA A 302 10.45 -25.11 -28.66
N ASP A 303 11.71 -25.51 -28.93
CA ASP A 303 11.99 -26.89 -29.45
C ASP A 303 12.34 -27.73 -28.23
N ARG A 304 11.36 -28.46 -27.75
CA ARG A 304 11.52 -29.22 -26.53
C ARG A 304 12.72 -30.22 -26.56
N GLU A 305 12.91 -30.90 -27.70
CA GLU A 305 14.03 -31.86 -27.85
C GLU A 305 15.38 -31.17 -27.65
N ALA A 306 15.55 -30.01 -28.28
CA ALA A 306 16.81 -29.32 -28.19
C ALA A 306 17.07 -28.80 -26.78
N LEU A 307 16.01 -28.32 -26.08
CA LEU A 307 16.23 -27.83 -24.75
C LEU A 307 16.62 -29.02 -23.82
N ALA A 308 15.98 -30.19 -24.05
CA ALA A 308 16.30 -31.33 -23.24
C ALA A 308 17.70 -31.79 -23.44
N ALA A 309 18.17 -31.71 -24.66
CA ALA A 309 19.57 -32.10 -24.95
C ALA A 309 20.59 -31.15 -24.31
N LEU A 310 20.23 -29.85 -24.26
CA LEU A 310 21.12 -28.92 -23.69
C LEU A 310 21.19 -29.19 -22.20
N LEU A 311 20.04 -29.44 -21.58
CA LEU A 311 20.04 -29.76 -20.15
C LEU A 311 20.72 -31.08 -19.76
N ALA A 312 20.67 -32.01 -20.71
CA ALA A 312 21.32 -33.29 -20.53
C ALA A 312 22.81 -33.20 -20.54
N GLU A 313 23.35 -32.16 -21.13
CA GLU A 313 24.81 -32.13 -21.12
C GLU A 313 25.48 -31.33 -20.02
N LEU A 314 24.69 -30.81 -19.11
CA LEU A 314 25.32 -30.08 -17.94
C LEU A 314 26.36 -30.80 -17.05
N PRO A 315 27.50 -30.15 -16.60
CA PRO A 315 28.52 -30.82 -15.72
C PRO A 315 27.87 -31.49 -14.51
N GLU A 316 28.51 -32.56 -14.05
CA GLU A 316 28.00 -33.17 -12.86
C GLU A 316 28.23 -32.25 -11.70
N ASP A 317 29.34 -31.54 -11.77
CA ASP A 317 29.73 -30.55 -10.77
C ASP A 317 29.11 -29.17 -11.04
N ALA A 318 28.20 -29.07 -12.03
CA ALA A 318 27.56 -27.72 -12.32
C ALA A 318 26.10 -27.92 -12.75
N PRO A 319 25.29 -28.52 -11.85
CA PRO A 319 23.87 -28.68 -12.09
C PRO A 319 23.19 -27.28 -12.30
N LEU A 320 22.14 -27.35 -13.08
CA LEU A 320 21.28 -26.17 -13.32
C LEU A 320 20.75 -25.62 -11.99
N THR A 321 20.94 -24.36 -11.73
CA THR A 321 20.39 -23.75 -10.53
C THR A 321 19.43 -22.63 -10.80
N ALA A 322 19.39 -22.11 -12.02
CA ALA A 322 18.48 -20.97 -12.29
C ALA A 322 18.28 -20.90 -13.77
N VAL A 323 17.11 -20.33 -14.14
CA VAL A 323 16.76 -20.01 -15.53
C VAL A 323 16.33 -18.57 -15.56
N PHE A 324 16.79 -17.91 -16.59
CA PHE A 324 16.37 -16.48 -16.93
C PHE A 324 15.90 -16.54 -18.34
N HIS A 325 14.60 -16.35 -18.55
CA HIS A 325 14.10 -16.47 -19.87
C HIS A 325 13.88 -15.10 -20.52
N SER A 326 14.80 -14.66 -21.35
CA SER A 326 14.74 -13.30 -22.01
C SER A 326 14.39 -13.44 -23.51
N ALA A 327 14.30 -14.69 -24.02
CA ALA A 327 14.13 -14.88 -25.48
C ALA A 327 12.75 -14.28 -25.86
N GLY A 328 12.64 -13.71 -27.05
CA GLY A 328 11.24 -13.39 -27.55
C GLY A 328 11.18 -12.01 -28.13
N VAL A 329 10.55 -11.90 -29.31
CA VAL A 329 10.57 -10.62 -30.01
C VAL A 329 9.21 -9.95 -29.85
N ALA A 330 9.22 -8.63 -30.07
CA ALA A 330 8.03 -7.79 -30.00
C ALA A 330 7.60 -7.37 -31.38
N HIS A 331 8.41 -7.72 -32.38
CA HIS A 331 8.24 -7.20 -33.71
C HIS A 331 7.12 -7.94 -34.40
N ASP A 332 6.54 -7.31 -35.44
CA ASP A 332 5.52 -7.94 -36.22
C ASP A 332 4.25 -8.21 -35.38
N ASP A 333 3.91 -7.23 -34.54
CA ASP A 333 2.56 -7.22 -33.91
C ASP A 333 1.72 -6.27 -34.77
N ALA A 334 0.47 -6.06 -34.34
CA ALA A 334 -0.45 -5.23 -35.08
C ALA A 334 -1.66 -4.89 -34.24
N PRO A 335 -2.35 -3.79 -34.59
CA PRO A 335 -3.61 -3.53 -33.92
C PRO A 335 -4.54 -4.69 -33.79
N VAL A 336 -5.36 -4.74 -32.74
CA VAL A 336 -6.38 -5.73 -32.59
C VAL A 336 -7.19 -5.96 -33.83
N ALA A 337 -7.56 -4.90 -34.57
CA ALA A 337 -8.49 -5.05 -35.65
C ALA A 337 -7.76 -5.72 -36.87
N ASP A 338 -6.43 -5.82 -36.84
CA ASP A 338 -5.62 -6.33 -37.96
C ASP A 338 -4.79 -7.55 -37.67
N LEU A 339 -4.48 -7.80 -36.41
CA LEU A 339 -3.57 -8.90 -36.08
C LEU A 339 -4.09 -10.25 -36.66
N THR A 340 -3.17 -10.98 -37.27
CA THR A 340 -3.51 -12.32 -37.76
C THR A 340 -3.18 -13.41 -36.73
N LEU A 341 -3.76 -14.56 -36.89
CA LEU A 341 -3.33 -15.70 -36.09
C LEU A 341 -1.89 -16.11 -36.37
N GLY A 342 -1.41 -16.03 -37.58
CA GLY A 342 -0.01 -16.33 -37.81
C GLY A 342 0.92 -15.36 -37.08
N GLN A 343 0.53 -14.05 -37.08
CA GLN A 343 1.29 -13.10 -36.37
C GLN A 343 1.26 -13.41 -34.85
N LEU A 344 0.08 -13.74 -34.33
CA LEU A 344 -0.06 -14.05 -32.92
C LEU A 344 0.75 -15.30 -32.59
N ASP A 345 0.73 -16.30 -33.45
CA ASP A 345 1.50 -17.53 -33.18
C ASP A 345 2.98 -17.24 -33.03
N ALA A 346 3.52 -16.41 -33.91
CA ALA A 346 4.99 -16.07 -33.80
C ALA A 346 5.33 -15.33 -32.53
N LEU A 347 4.45 -14.47 -32.03
CA LEU A 347 4.73 -13.71 -30.80
C LEU A 347 4.59 -14.63 -29.63
N MET A 348 3.57 -15.52 -29.67
CA MET A 348 3.38 -16.55 -28.60
C MET A 348 4.54 -17.53 -28.45
N ARG A 349 5.18 -17.88 -29.55
CA ARG A 349 6.02 -19.10 -29.55
C ARG A 349 7.19 -19.00 -28.58
N ALA A 350 7.85 -17.88 -28.55
CA ALA A 350 9.00 -17.78 -27.71
C ALA A 350 8.67 -17.47 -26.30
N LYS A 351 7.39 -17.24 -26.00
CA LYS A 351 6.92 -16.92 -24.66
C LYS A 351 6.18 -18.16 -24.09
N LEU A 352 4.97 -18.49 -24.52
CA LEU A 352 4.23 -19.59 -24.06
C LEU A 352 4.91 -20.90 -24.33
N THR A 353 5.27 -21.17 -25.59
CA THR A 353 5.82 -22.50 -25.88
C THR A 353 7.15 -22.74 -25.17
N ALA A 354 8.03 -21.79 -25.30
CA ALA A 354 9.38 -21.88 -24.70
C ALA A 354 9.29 -21.94 -23.21
N ALA A 355 8.43 -21.09 -22.56
CA ALA A 355 8.42 -21.08 -21.09
C ALA A 355 7.70 -22.32 -20.59
N ARG A 356 6.71 -22.87 -21.33
CA ARG A 356 6.10 -24.14 -20.93
C ARG A 356 7.15 -25.23 -20.86
N HIS A 357 8.00 -25.34 -21.89
CA HIS A 357 9.05 -26.36 -21.92
C HIS A 357 10.08 -26.10 -20.83
N LEU A 358 10.40 -24.83 -20.51
CA LEU A 358 11.37 -24.60 -19.48
C LEU A 358 10.79 -25.06 -18.14
N HIS A 359 9.50 -24.78 -17.91
CA HIS A 359 8.83 -25.17 -16.70
C HIS A 359 8.78 -26.68 -16.61
N GLU A 360 8.34 -27.35 -17.68
CA GLU A 360 8.14 -28.79 -17.56
C GLU A 360 9.51 -29.49 -17.33
N LEU A 361 10.57 -29.06 -18.02
CA LEU A 361 11.84 -29.75 -18.01
C LEU A 361 12.68 -29.36 -16.76
N THR A 362 12.27 -28.38 -15.98
CA THR A 362 12.95 -28.04 -14.69
C THR A 362 12.05 -28.16 -13.43
N ALA A 363 10.78 -28.49 -13.56
CA ALA A 363 9.88 -28.61 -12.38
C ALA A 363 10.35 -29.60 -11.29
N ASP A 364 11.25 -30.52 -11.66
CA ASP A 364 11.77 -31.53 -10.74
C ASP A 364 13.16 -31.21 -10.14
N LEU A 365 13.83 -30.18 -10.64
CA LEU A 365 15.14 -29.85 -10.24
C LEU A 365 14.87 -28.95 -9.09
N ASP A 366 15.82 -28.49 -8.39
CA ASP A 366 15.09 -27.75 -7.32
C ASP A 366 15.56 -26.35 -7.47
N LEU A 367 15.07 -25.65 -8.51
CA LEU A 367 15.83 -24.43 -8.90
C LEU A 367 15.83 -23.33 -7.85
N ASP A 368 16.87 -22.49 -7.88
CA ASP A 368 16.94 -21.32 -6.98
C ASP A 368 16.11 -20.12 -7.54
N ALA A 369 16.08 -20.00 -8.88
CA ALA A 369 15.37 -18.94 -9.56
C ALA A 369 14.82 -19.44 -10.88
N PHE A 370 13.63 -18.97 -11.24
CA PHE A 370 13.07 -19.21 -12.57
C PHE A 370 12.42 -17.90 -12.93
N VAL A 371 13.11 -17.15 -13.72
CA VAL A 371 12.81 -15.69 -13.95
C VAL A 371 12.39 -15.56 -15.36
N LEU A 372 11.13 -15.12 -15.46
CA LEU A 372 10.54 -14.86 -16.83
C LEU A 372 10.45 -13.41 -17.14
N PHE A 373 10.98 -12.94 -18.26
CA PHE A 373 10.94 -11.47 -18.57
C PHE A 373 9.70 -11.17 -19.37
N SER A 374 8.85 -10.28 -18.79
CA SER A 374 7.58 -9.88 -19.33
C SER A 374 7.75 -8.39 -19.80
N SER A 375 6.66 -7.65 -19.87
CA SER A 375 6.72 -6.31 -20.44
C SER A 375 5.54 -5.49 -19.85
N GLY A 376 5.72 -4.14 -19.79
CA GLY A 376 4.63 -3.25 -19.44
C GLY A 376 3.45 -3.43 -20.35
N ALA A 377 3.66 -3.91 -21.57
CA ALA A 377 2.51 -4.21 -22.43
C ALA A 377 1.57 -5.16 -21.82
N ALA A 378 2.04 -6.15 -21.08
CA ALA A 378 1.20 -7.11 -20.47
C ALA A 378 0.72 -6.62 -19.10
N VAL A 379 1.37 -5.69 -18.41
CA VAL A 379 0.94 -5.32 -17.05
C VAL A 379 -0.05 -4.20 -17.07
N TRP A 380 0.18 -3.13 -17.83
CA TRP A 380 -0.83 -2.11 -17.95
C TRP A 380 -1.49 -2.03 -19.35
N GLY A 381 -0.84 -2.49 -20.40
CA GLY A 381 -1.38 -2.45 -21.72
C GLY A 381 -0.75 -1.45 -22.62
N SER A 382 -0.41 -1.78 -23.83
CA SER A 382 0.08 -0.81 -24.78
C SER A 382 -0.69 -0.95 -26.15
N GLY A 383 -1.23 0.20 -26.64
CA GLY A 383 -1.93 0.17 -27.94
C GLY A 383 -0.95 -0.32 -29.00
N GLY A 384 -1.49 -1.13 -29.92
CA GLY A 384 -0.58 -1.63 -30.95
C GLY A 384 0.09 -2.92 -30.65
N GLN A 385 0.05 -3.33 -29.38
CA GLN A 385 0.86 -4.51 -28.91
C GLN A 385 -0.01 -5.63 -28.34
N PRO A 386 -1.13 -5.98 -28.99
CA PRO A 386 -1.99 -7.07 -28.34
C PRO A 386 -1.33 -8.39 -28.28
N GLY A 387 -0.58 -8.78 -29.34
CA GLY A 387 0.06 -10.07 -29.40
C GLY A 387 1.16 -10.19 -28.35
N TYR A 388 1.97 -9.17 -28.22
CA TYR A 388 3.04 -9.16 -27.27
C TYR A 388 2.48 -9.04 -25.88
N ALA A 389 1.38 -8.28 -25.73
CA ALA A 389 0.72 -8.27 -24.39
C ALA A 389 0.20 -9.64 -23.97
N ALA A 390 -0.50 -10.34 -24.88
CA ALA A 390 -0.98 -11.69 -24.47
C ALA A 390 0.18 -12.64 -24.14
N ALA A 391 1.24 -12.62 -24.95
CA ALA A 391 2.37 -13.58 -24.76
C ALA A 391 3.03 -13.25 -23.44
N ASN A 392 3.26 -12.00 -23.11
CA ASN A 392 3.94 -11.64 -21.81
C ASN A 392 3.01 -11.87 -20.64
N ALA A 393 1.67 -11.71 -20.82
CA ALA A 393 0.76 -12.00 -19.73
C ALA A 393 0.73 -13.52 -19.36
N TYR A 394 0.97 -14.35 -20.42
CA TYR A 394 1.03 -15.75 -20.02
C TYR A 394 2.26 -15.92 -19.08
N LEU A 395 3.40 -15.30 -19.35
CA LEU A 395 4.59 -15.45 -18.47
C LEU A 395 4.25 -15.03 -17.06
N ASP A 396 3.62 -13.87 -16.88
CA ASP A 396 3.31 -13.47 -15.51
C ASP A 396 2.41 -14.51 -14.80
N ALA A 397 1.42 -15.03 -15.56
CA ALA A 397 0.49 -16.03 -15.03
C ALA A 397 1.24 -17.32 -14.72
N LEU A 398 2.12 -17.75 -15.63
CA LEU A 398 2.84 -18.99 -15.29
C LEU A 398 3.68 -18.83 -14.04
N ALA A 399 4.28 -17.68 -13.77
CA ALA A 399 5.08 -17.54 -12.53
C ALA A 399 4.23 -17.64 -11.28
N GLU A 400 3.02 -17.11 -11.30
CA GLU A 400 2.10 -17.24 -10.17
C GLU A 400 1.65 -18.73 -10.05
N HIS A 401 1.33 -19.37 -11.19
CA HIS A 401 1.00 -20.75 -11.15
C HIS A 401 2.08 -21.59 -10.51
N ARG A 402 3.34 -21.39 -10.93
CA ARG A 402 4.45 -22.15 -10.41
C ARG A 402 4.50 -21.97 -8.92
N ARG A 403 4.25 -20.80 -8.36
CA ARG A 403 4.36 -20.59 -6.91
C ARG A 403 3.32 -21.47 -6.21
N SER A 404 2.15 -21.62 -6.83
CA SER A 404 1.09 -22.49 -6.25
C SER A 404 1.50 -23.95 -6.19
N LEU A 405 2.52 -24.34 -6.96
CA LEU A 405 2.99 -25.71 -6.97
C LEU A 405 4.14 -25.86 -5.97
N GLY A 406 4.50 -24.76 -5.30
CA GLY A 406 5.62 -24.71 -4.32
C GLY A 406 6.95 -24.62 -5.05
N LEU A 407 6.91 -24.15 -6.32
CA LEU A 407 8.16 -23.95 -7.12
C LEU A 407 8.51 -22.46 -7.11
N THR A 408 9.77 -22.12 -7.24
CA THR A 408 10.17 -20.71 -7.33
C THR A 408 9.82 -20.20 -8.71
N ALA A 409 9.42 -18.93 -8.78
CA ALA A 409 9.32 -18.35 -10.08
C ALA A 409 9.14 -16.87 -9.88
N SER A 410 9.54 -16.12 -10.85
CA SER A 410 9.56 -14.63 -10.75
C SER A 410 9.13 -14.20 -12.16
N SER A 411 8.31 -13.13 -12.30
CA SER A 411 8.06 -12.50 -13.57
C SER A 411 8.42 -11.03 -13.42
N VAL A 412 9.20 -10.52 -14.35
CA VAL A 412 9.72 -9.10 -14.29
C VAL A 412 9.29 -8.47 -15.59
N ALA A 413 8.37 -7.49 -15.46
CA ALA A 413 7.82 -6.81 -16.68
C ALA A 413 8.51 -5.51 -16.94
N TRP A 414 9.37 -5.47 -17.93
CA TRP A 414 10.15 -4.30 -18.16
C TRP A 414 9.36 -3.16 -18.80
N GLY A 415 9.75 -1.95 -18.41
CA GLY A 415 9.40 -0.77 -19.27
C GLY A 415 10.47 -0.63 -20.38
N THR A 416 10.88 0.58 -20.67
CA THR A 416 11.80 0.90 -21.78
C THR A 416 13.21 0.80 -21.33
N TRP A 417 14.05 0.07 -22.06
CA TRP A 417 15.50 0.10 -21.83
C TRP A 417 16.31 1.16 -22.62
N GLY A 418 17.26 1.78 -21.95
CA GLY A 418 18.15 2.68 -22.61
C GLY A 418 19.10 1.93 -23.53
N GLU A 419 20.38 2.13 -23.34
CA GLU A 419 21.42 1.52 -24.18
C GLU A 419 21.03 0.13 -24.72
N PRO A 426 11.22 0.80 -34.15
CA PRO A 426 11.72 2.18 -34.05
C PRO A 426 10.61 3.17 -33.61
N GLU A 427 9.49 3.17 -34.34
CA GLU A 427 8.35 4.05 -34.00
C GLU A 427 7.61 3.63 -32.72
N VAL A 428 7.71 2.35 -32.35
CA VAL A 428 7.07 1.81 -31.12
C VAL A 428 7.91 2.23 -29.90
N HIS A 429 9.23 2.07 -29.99
CA HIS A 429 10.11 2.66 -28.99
C HIS A 429 9.83 4.19 -28.78
N ASP A 430 9.84 4.97 -29.86
CA ASP A 430 9.66 6.42 -29.68
C ASP A 430 8.26 6.80 -29.17
N ARG A 431 7.28 5.99 -29.55
CA ARG A 431 5.90 6.20 -29.09
C ARG A 431 5.85 5.98 -27.57
N LEU A 432 6.44 4.89 -27.11
CA LEU A 432 6.42 4.62 -25.68
C LEU A 432 7.09 5.73 -24.87
N VAL A 433 8.28 6.20 -25.30
CA VAL A 433 8.98 7.27 -24.58
C VAL A 433 8.14 8.55 -24.55
N ARG A 434 7.48 8.84 -25.66
CA ARG A 434 6.58 9.99 -25.77
C ARG A 434 5.36 9.89 -24.84
N GLN A 435 4.96 8.65 -24.52
CA GLN A 435 3.82 8.39 -23.66
C GLN A 435 4.25 8.39 -22.18
N GLY A 436 5.52 8.61 -21.92
CA GLY A 436 6.08 8.75 -20.58
C GLY A 436 6.62 7.46 -19.99
N VAL A 437 6.73 6.40 -20.82
CA VAL A 437 7.45 5.17 -20.40
C VAL A 437 8.90 5.36 -20.81
N LEU A 438 9.68 5.92 -19.91
CA LEU A 438 11.05 6.49 -20.22
C LEU A 438 12.08 5.45 -20.23
N ALA A 439 13.15 5.67 -21.05
CA ALA A 439 14.25 4.74 -21.08
C ALA A 439 15.02 4.67 -19.77
N MET A 440 15.15 3.43 -19.26
CA MET A 440 15.89 3.21 -18.06
C MET A 440 17.41 3.10 -18.29
N GLU A 441 18.16 3.53 -17.28
CA GLU A 441 19.60 3.21 -17.24
C GLU A 441 19.75 1.74 -17.01
N PRO A 442 20.50 1.02 -17.85
CA PRO A 442 20.59 -0.41 -17.62
C PRO A 442 21.02 -0.80 -16.20
N GLU A 443 22.01 -0.10 -15.65
CA GLU A 443 22.41 -0.46 -14.30
C GLU A 443 21.34 -0.35 -13.24
N HIS A 444 20.45 0.64 -13.40
CA HIS A 444 19.41 0.86 -12.40
C HIS A 444 18.35 -0.25 -12.58
N ALA A 445 18.04 -0.53 -13.86
CA ALA A 445 17.08 -1.68 -14.18
C ALA A 445 17.56 -3.01 -13.64
N LEU A 446 18.86 -3.27 -13.84
CA LEU A 446 19.42 -4.51 -13.37
C LEU A 446 19.53 -4.51 -11.82
N GLY A 447 19.79 -3.33 -11.25
CA GLY A 447 19.78 -3.15 -9.81
C GLY A 447 18.45 -3.37 -9.12
N ALA A 448 17.41 -2.89 -9.79
CA ALA A 448 16.03 -3.14 -9.33
C ALA A 448 15.70 -4.63 -9.46
N LEU A 449 16.10 -5.34 -10.56
CA LEU A 449 15.85 -6.74 -10.59
C LEU A 449 16.50 -7.49 -9.41
N ASP A 450 17.76 -7.09 -9.16
CA ASP A 450 18.37 -7.75 -8.00
C ASP A 450 17.57 -7.50 -6.72
N GLN A 451 16.96 -6.31 -6.56
CA GLN A 451 16.15 -6.01 -5.34
C GLN A 451 14.96 -6.96 -5.33
N MET A 452 14.34 -7.15 -6.50
CA MET A 452 13.21 -8.12 -6.59
C MET A 452 13.61 -9.55 -6.18
N LEU A 453 14.74 -10.01 -6.69
CA LEU A 453 15.12 -11.38 -6.42
C LEU A 453 15.54 -11.54 -4.98
N GLU A 454 16.20 -10.51 -4.44
CA GLU A 454 16.53 -10.56 -2.98
C GLU A 454 15.30 -10.61 -2.07
N ASN A 455 14.24 -10.00 -2.53
CA ASN A 455 12.98 -10.09 -1.81
C ASN A 455 12.20 -11.38 -2.07
N ASP A 456 12.67 -12.15 -3.09
CA ASP A 456 11.89 -13.30 -3.59
C ASP A 456 10.44 -12.91 -3.88
N ASP A 457 10.30 -11.77 -4.56
CA ASP A 457 8.93 -11.38 -5.02
C ASP A 457 8.55 -12.22 -6.25
N THR A 458 7.24 -12.49 -6.44
CA THR A 458 6.81 -13.32 -7.53
C THR A 458 6.66 -12.51 -8.75
N ALA A 459 6.21 -11.23 -8.60
CA ALA A 459 5.94 -10.46 -9.79
C ALA A 459 6.33 -8.98 -9.54
N ALA A 460 6.80 -8.27 -10.56
CA ALA A 460 6.96 -6.85 -10.55
C ALA A 460 7.05 -6.31 -11.90
N ALA A 461 6.78 -5.02 -12.01
CA ALA A 461 7.11 -4.28 -13.19
C ALA A 461 8.27 -3.35 -12.77
N ILE A 462 9.21 -3.22 -13.67
CA ILE A 462 10.39 -2.40 -13.48
C ILE A 462 10.44 -1.39 -14.60
N THR A 463 10.12 -0.11 -14.31
CA THR A 463 9.91 0.89 -15.35
C THR A 463 10.15 2.29 -14.76
N LEU A 464 10.79 3.15 -15.60
CA LEU A 464 10.85 4.58 -15.25
C LEU A 464 9.66 5.26 -15.91
N MET A 465 8.81 5.89 -15.12
CA MET A 465 7.53 6.48 -15.64
C MET A 465 7.60 7.98 -15.40
N ASP A 466 7.16 8.74 -16.40
CA ASP A 466 6.79 10.14 -16.10
C ASP A 466 5.29 10.11 -15.99
N TRP A 467 4.72 10.06 -14.79
CA TRP A 467 3.29 9.98 -14.57
C TRP A 467 2.49 11.18 -15.07
N GLU A 468 3.14 12.35 -15.08
CA GLU A 468 2.50 13.51 -15.68
C GLU A 468 2.26 13.38 -17.15
N MET A 469 3.14 12.68 -17.86
CA MET A 469 2.87 12.43 -19.27
C MET A 469 2.04 11.17 -19.50
N PHE A 470 2.30 10.15 -18.70
CA PHE A 470 1.67 8.84 -18.89
C PHE A 470 0.19 8.80 -18.52
N ALA A 471 -0.17 9.21 -17.29
CA ALA A 471 -1.55 9.12 -16.84
C ALA A 471 -2.58 9.81 -17.74
N PRO A 472 -2.35 11.09 -18.17
CA PRO A 472 -3.30 11.68 -19.04
C PRO A 472 -3.43 10.99 -20.41
N ALA A 473 -2.33 10.56 -20.95
CA ALA A 473 -2.34 9.93 -22.28
C ALA A 473 -3.12 8.61 -22.13
N PHE A 474 -2.81 7.88 -21.08
CA PHE A 474 -3.37 6.47 -20.94
C PHE A 474 -4.85 6.49 -20.66
N THR A 475 -5.37 7.54 -20.04
CA THR A 475 -6.74 7.71 -19.68
C THR A 475 -7.57 8.71 -20.57
N ALA A 476 -7.03 9.06 -21.72
CA ALA A 476 -7.75 10.11 -22.47
C ALA A 476 -9.13 9.69 -22.94
N ASN A 477 -9.27 8.43 -23.32
CA ASN A 477 -10.56 7.94 -23.83
C ASN A 477 -11.38 7.17 -22.86
N ARG A 478 -10.75 6.76 -21.76
CA ARG A 478 -11.43 5.91 -20.87
C ARG A 478 -10.72 5.92 -19.51
N PRO A 479 -11.46 5.96 -18.39
CA PRO A 479 -10.72 6.09 -17.18
C PRO A 479 -10.08 4.72 -16.83
N SER A 480 -9.10 4.79 -15.93
CA SER A 480 -8.37 3.57 -15.49
C SER A 480 -8.45 3.48 -13.94
N ALA A 481 -9.08 2.43 -13.43
CA ALA A 481 -9.09 2.22 -12.03
C ALA A 481 -7.76 1.63 -11.64
N LEU A 482 -7.04 0.98 -12.58
CA LEU A 482 -5.70 0.48 -12.33
C LEU A 482 -4.78 1.48 -11.67
N LEU A 483 -4.84 2.70 -12.14
CA LEU A 483 -3.74 3.65 -11.72
C LEU A 483 -4.22 4.44 -10.46
N SER A 484 -5.39 4.16 -9.91
CA SER A 484 -5.89 4.99 -8.75
C SER A 484 -5.02 4.81 -7.52
N THR A 485 -4.19 3.77 -7.49
CA THR A 485 -3.30 3.49 -6.37
C THR A 485 -1.86 3.95 -6.62
N VAL A 486 -1.63 4.80 -7.66
CA VAL A 486 -0.40 5.43 -7.90
C VAL A 486 -0.64 6.89 -7.63
N PRO A 487 -0.07 7.41 -6.49
CA PRO A 487 -0.44 8.78 -6.19
C PRO A 487 -0.03 9.81 -7.23
N GLU A 488 1.07 9.57 -7.95
CA GLU A 488 1.51 10.50 -9.03
C GLU A 488 0.49 10.55 -10.16
N ALA A 489 -0.17 9.42 -10.36
CA ALA A 489 -1.19 9.39 -11.45
C ALA A 489 -2.42 10.12 -11.03
N VAL A 490 -2.84 9.90 -9.78
CA VAL A 490 -3.98 10.64 -9.24
C VAL A 490 -3.70 12.18 -9.34
N SER A 491 -2.54 12.61 -8.85
CA SER A 491 -2.12 14.04 -8.99
C SER A 491 -2.13 14.58 -10.44
N ALA A 492 -1.62 13.80 -11.40
CA ALA A 492 -1.58 14.24 -12.78
C ALA A 492 -2.98 14.43 -13.38
N LEU A 493 -3.95 13.66 -12.91
CA LEU A 493 -5.33 13.65 -13.44
C LEU A 493 -6.15 14.72 -12.74
N SER A 494 -5.57 15.29 -11.67
CA SER A 494 -6.10 16.45 -10.88
C SER A 494 -5.99 16.17 -9.41
N SER B 19 -11.40 13.24 -6.22
CA SER B 19 -12.12 14.35 -5.51
C SER B 19 -11.21 15.26 -4.70
N HIS B 20 -11.82 16.35 -4.29
CA HIS B 20 -11.16 17.29 -3.44
C HIS B 20 -11.04 16.68 -2.06
N MET B 21 -12.09 15.98 -1.66
CA MET B 21 -12.10 15.20 -0.39
C MET B 21 -11.00 14.12 -0.30
N ASP B 22 -10.83 13.27 -1.32
CA ASP B 22 -9.72 12.28 -1.34
C ASP B 22 -8.39 12.94 -1.15
N ALA B 23 -8.17 14.10 -1.81
CA ALA B 23 -6.87 14.80 -1.79
C ALA B 23 -6.46 15.31 -0.39
N LEU B 24 -7.40 15.37 0.51
CA LEU B 24 -7.07 15.78 1.88
C LEU B 24 -6.69 14.60 2.75
N ARG B 25 -6.89 13.37 2.28
CA ARG B 25 -6.71 12.22 3.22
C ARG B 25 -5.39 11.53 3.08
N TYR B 26 -4.72 11.44 4.22
CA TYR B 26 -3.41 10.73 4.34
C TYR B 26 -3.51 9.73 5.46
N HIS B 27 -2.60 8.79 5.47
CA HIS B 27 -2.56 7.92 6.62
C HIS B 27 -1.13 7.48 6.93
N ILE B 28 -0.95 7.06 8.19
CA ILE B 28 0.36 6.47 8.63
C ILE B 28 0.44 5.01 8.24
N GLU B 29 1.58 4.68 7.61
CA GLU B 29 1.89 3.26 7.24
C GLU B 29 3.27 2.93 7.82
N TRP B 30 3.61 1.60 7.84
CA TRP B 30 4.91 1.20 8.33
C TRP B 30 5.57 0.33 7.29
N ASN B 31 6.78 0.70 6.91
CA ASN B 31 7.52 -0.03 5.87
C ASN B 31 8.71 -0.68 6.48
N ARG B 32 9.00 -1.95 6.04
CA ARG B 32 10.28 -2.54 6.46
C ARG B 32 11.53 -1.85 5.93
N VAL B 33 12.55 -1.64 6.77
CA VAL B 33 13.80 -0.94 6.41
C VAL B 33 14.95 -1.95 6.55
N ALA B 34 16.10 -1.54 5.98
CA ALA B 34 17.40 -2.24 6.13
C ALA B 34 17.63 -2.78 7.51
N GLU B 35 18.12 -4.02 7.61
CA GLU B 35 18.70 -4.49 8.86
C GLU B 35 19.89 -3.67 9.21
N PRO B 36 20.07 -3.32 10.45
CA PRO B 36 21.20 -2.50 10.84
C PRO B 36 22.47 -3.36 10.94
N GLY B 37 23.57 -2.70 11.21
CA GLY B 37 24.86 -3.41 11.48
C GLY B 37 24.80 -4.32 12.71
N THR B 38 25.84 -5.13 12.86
CA THR B 38 25.94 -6.09 13.97
C THR B 38 26.90 -5.67 15.08
N ALA B 39 27.51 -4.43 15.04
CA ALA B 39 28.48 -4.01 16.07
C ALA B 39 27.68 -3.10 16.99
N ARG B 40 28.09 -3.17 18.24
CA ARG B 40 27.65 -2.34 19.31
C ARG B 40 28.06 -0.93 18.94
N PRO B 41 27.34 0.06 19.42
CA PRO B 41 27.85 1.41 19.36
C PRO B 41 29.28 1.51 19.99
N ALA B 42 30.14 2.22 19.29
CA ALA B 42 31.56 2.37 19.67
C ALA B 42 31.74 2.97 21.07
N GLY B 43 31.12 4.13 21.25
CA GLY B 43 31.34 4.88 22.49
C GLY B 43 30.26 4.46 23.46
N ARG B 44 30.20 5.17 24.58
CA ARG B 44 29.50 4.67 25.74
C ARG B 44 28.01 5.20 25.68
N LEU B 45 27.05 4.35 26.07
CA LEU B 45 25.68 4.72 26.15
C LEU B 45 25.36 5.14 27.53
N LEU B 46 24.40 6.06 27.60
CA LEU B 46 23.83 6.47 28.93
C LEU B 46 22.40 5.99 28.89
N ALA B 47 22.02 5.16 29.87
CA ALA B 47 20.62 4.68 29.92
C ALA B 47 19.89 5.44 31.03
N VAL B 48 18.64 5.88 30.82
CA VAL B 48 17.90 6.64 31.79
C VAL B 48 16.71 5.81 32.19
N ILE B 49 16.59 5.48 33.48
CA ILE B 49 15.56 4.61 34.02
C ILE B 49 14.70 5.35 35.01
N SER B 50 13.41 5.06 35.05
CA SER B 50 12.49 5.62 36.03
C SER B 50 12.55 4.64 37.16
N PRO B 51 13.16 5.01 38.28
CA PRO B 51 13.48 4.00 39.29
C PRO B 51 12.33 3.29 39.94
N ASP B 52 11.13 3.88 40.00
CA ASP B 52 9.97 3.13 40.48
C ASP B 52 9.24 2.31 39.42
N HIS B 53 9.75 2.36 38.20
CA HIS B 53 9.07 1.75 37.10
C HIS B 53 10.10 1.17 36.16
N ALA B 54 10.98 0.31 36.72
CA ALA B 54 12.07 -0.29 36.04
C ALA B 54 11.94 -1.82 36.04
N GLY B 55 10.77 -2.33 36.40
CA GLY B 55 10.60 -3.80 36.52
C GLY B 55 9.95 -4.51 35.34
N ALA B 56 9.47 -3.77 34.32
CA ALA B 56 8.74 -4.36 33.17
C ALA B 56 9.72 -5.27 32.44
N PRO B 57 9.25 -6.41 31.89
CA PRO B 57 10.20 -7.29 31.18
C PRO B 57 10.93 -6.59 30.06
N TRP B 58 10.31 -5.66 29.31
CA TRP B 58 11.11 -5.13 28.22
C TRP B 58 12.26 -4.18 28.67
N VAL B 59 11.99 -3.51 29.83
CA VAL B 59 13.04 -2.66 30.46
C VAL B 59 14.25 -3.51 30.81
N THR B 60 14.05 -4.65 31.49
CA THR B 60 15.21 -5.49 31.79
C THR B 60 15.86 -6.06 30.54
N ALA B 61 15.07 -6.37 29.46
CA ALA B 61 15.68 -6.90 28.26
C ALA B 61 16.49 -5.85 27.54
N VAL B 62 15.98 -4.58 27.59
CA VAL B 62 16.76 -3.54 26.96
C VAL B 62 18.04 -3.24 27.73
N LEU B 63 17.94 -3.21 29.06
CA LEU B 63 19.18 -2.96 29.89
C LEU B 63 20.19 -4.06 29.59
N ASP B 64 19.66 -5.32 29.50
CA ASP B 64 20.63 -6.38 29.22
C ASP B 64 21.28 -6.25 27.84
N ALA B 65 20.44 -5.87 26.84
CA ALA B 65 20.98 -5.63 25.49
C ALA B 65 22.02 -4.49 25.39
N LEU B 66 21.86 -3.45 26.16
CA LEU B 66 22.87 -2.32 26.14
C LEU B 66 24.26 -2.70 26.72
N GLY B 67 24.22 -3.74 27.55
CA GLY B 67 25.43 -4.29 28.14
C GLY B 67 25.90 -3.60 29.37
N PRO B 68 26.88 -4.23 29.99
CA PRO B 68 27.23 -3.70 31.35
C PRO B 68 28.13 -2.42 31.40
N ASP B 69 28.72 -2.04 30.27
CA ASP B 69 29.53 -0.85 30.19
C ASP B 69 28.69 0.41 30.05
N THR B 70 27.40 0.20 29.78
CA THR B 70 26.46 1.35 29.62
C THR B 70 26.29 2.01 30.96
N VAL B 71 26.30 3.32 31.04
CA VAL B 71 26.19 4.05 32.30
C VAL B 71 24.72 4.28 32.62
N ARG B 72 24.26 4.10 33.85
CA ARG B 72 22.83 4.15 34.18
C ARG B 72 22.58 5.36 35.04
N PHE B 73 21.54 6.08 34.70
CA PHE B 73 21.09 7.24 35.41
C PHE B 73 19.66 7.03 35.82
N GLU B 74 19.39 7.08 37.12
CA GLU B 74 18.01 6.97 37.61
C GLU B 74 17.41 8.34 37.76
N ALA B 75 16.42 8.64 36.92
CA ALA B 75 15.75 9.98 36.86
C ALA B 75 14.68 9.95 37.96
N LYS B 76 14.96 10.53 39.13
CA LYS B 76 14.02 10.51 40.28
C LYS B 76 13.10 11.74 40.38
N GLY B 77 11.81 11.48 40.51
CA GLY B 77 10.77 12.51 40.59
C GLY B 77 10.75 13.39 39.36
N THR B 78 10.63 14.72 39.54
CA THR B 78 10.52 15.61 38.38
C THR B 78 11.15 16.93 38.71
N ASP B 79 12.48 16.91 38.72
CA ASP B 79 13.23 18.04 39.22
C ASP B 79 14.29 18.37 38.18
N ARG B 80 13.91 19.30 37.29
CA ARG B 80 14.75 19.75 36.18
C ARG B 80 16.15 20.19 36.63
N ALA B 81 16.17 21.12 37.59
CA ALA B 81 17.49 21.63 38.09
C ALA B 81 18.33 20.53 38.76
N ALA B 82 17.69 19.66 39.56
CA ALA B 82 18.42 18.50 40.06
C ALA B 82 19.00 17.53 39.05
N TRP B 83 18.20 17.13 38.03
CA TRP B 83 18.78 16.33 36.95
C TRP B 83 19.81 16.97 36.14
N ALA B 84 19.65 18.29 35.85
CA ALA B 84 20.71 18.97 35.17
C ALA B 84 22.07 18.93 35.89
N ALA B 85 22.01 19.12 37.21
CA ALA B 85 23.22 18.94 38.03
C ALA B 85 23.80 17.51 38.04
N GLN B 86 22.89 16.53 38.14
CA GLN B 86 23.31 15.15 38.11
C GLN B 86 23.90 14.73 36.76
N LEU B 87 23.26 15.24 35.69
CA LEU B 87 23.73 14.90 34.38
C LEU B 87 25.11 15.56 34.04
N ALA B 88 25.22 16.78 34.51
CA ALA B 88 26.47 17.56 34.36
C ALA B 88 27.65 16.82 35.02
N GLN B 89 27.36 16.26 36.16
CA GLN B 89 28.37 15.38 36.85
C GLN B 89 28.75 14.11 36.05
N LEU B 90 27.74 13.35 35.55
CA LEU B 90 28.05 12.24 34.67
C LEU B 90 28.87 12.55 33.48
N ARG B 91 28.55 13.66 32.85
CA ARG B 91 29.32 14.02 31.72
C ARG B 91 30.61 14.44 32.42
N GLU B 92 31.71 14.42 31.79
CA GLU B 92 32.84 14.97 32.56
C GLU B 92 33.50 13.83 33.26
N ASP B 93 32.84 13.26 34.26
CA ASP B 93 33.22 11.98 34.87
C ASP B 93 33.34 10.94 33.80
N GLU B 94 32.21 10.66 33.18
CA GLU B 94 32.21 9.67 32.12
C GLU B 94 32.65 10.23 30.77
N GLY B 95 32.60 11.54 30.58
CA GLY B 95 32.98 12.09 29.31
C GLY B 95 31.76 11.99 28.39
N GLU B 96 32.01 12.15 27.10
CA GLU B 96 30.96 12.20 26.13
C GLU B 96 30.32 10.81 25.94
N PHE B 97 29.03 10.86 25.55
CA PHE B 97 28.30 9.61 25.30
C PHE B 97 28.02 9.45 23.82
N HIS B 98 27.79 8.22 23.38
CA HIS B 98 27.38 7.98 21.99
C HIS B 98 25.88 8.35 21.79
N ALA B 99 25.10 7.97 22.81
CA ALA B 99 23.66 8.22 22.74
C ALA B 99 23.12 8.14 24.11
N VAL B 100 21.94 8.76 24.35
CA VAL B 100 21.15 8.63 25.56
C VAL B 100 19.96 7.78 25.26
N VAL B 101 19.79 6.71 26.01
CA VAL B 101 18.66 5.76 25.67
C VAL B 101 17.71 5.82 26.82
N SER B 102 16.53 6.44 26.63
CA SER B 102 15.57 6.56 27.74
C SER B 102 14.60 5.43 27.78
N LEU B 103 14.45 4.89 29.01
CA LEU B 103 13.47 3.88 29.28
C LEU B 103 12.32 4.46 30.17
N LEU B 104 12.25 5.79 30.20
CA LEU B 104 11.22 6.48 31.05
C LEU B 104 9.82 6.13 30.64
N ALA B 105 9.55 5.77 29.40
CA ALA B 105 8.19 5.46 29.02
C ALA B 105 7.48 4.36 29.88
N ALA B 106 8.27 3.49 30.50
CA ALA B 106 7.66 2.46 31.31
C ALA B 106 6.89 3.00 32.51
N ALA B 107 7.19 4.26 32.97
CA ALA B 107 6.33 4.84 33.96
C ALA B 107 5.04 5.32 33.42
N GLU B 108 4.01 4.56 33.57
CA GLU B 108 2.73 4.94 33.02
C GLU B 108 1.77 5.54 34.05
N ALA B 109 2.02 5.33 35.36
CA ALA B 109 1.21 5.85 36.41
C ALA B 109 1.18 7.38 36.21
N LEU B 110 0.02 7.96 36.49
CA LEU B 110 -0.09 9.41 36.46
C LEU B 110 0.77 10.09 37.53
N HIS B 111 1.25 11.29 37.27
CA HIS B 111 2.10 12.04 38.22
C HIS B 111 1.15 12.53 39.36
N THR B 112 1.65 12.39 40.57
CA THR B 112 0.84 12.76 41.76
C THR B 112 0.41 14.21 41.86
N ASP B 113 1.09 15.11 41.15
CA ASP B 113 0.75 16.54 41.15
C ASP B 113 0.13 17.03 39.87
N HIS B 114 0.12 16.20 38.83
CA HIS B 114 -0.36 16.65 37.50
C HIS B 114 -1.14 15.45 36.98
N GLY B 115 -2.41 15.41 37.35
CA GLY B 115 -3.18 14.15 37.22
C GLY B 115 -3.56 13.74 35.84
N SER B 116 -3.29 14.58 34.85
CA SER B 116 -3.45 14.14 33.45
C SER B 116 -2.11 13.78 32.80
N VAL B 117 -1.00 13.83 33.48
CA VAL B 117 0.34 13.69 32.87
C VAL B 117 0.86 12.35 33.33
N PRO B 118 1.04 11.38 32.41
CA PRO B 118 1.76 10.11 32.78
C PRO B 118 3.13 10.46 33.32
N LEU B 119 3.59 9.81 34.37
CA LEU B 119 4.90 10.15 34.91
C LEU B 119 6.01 10.07 33.88
N GLY B 120 5.99 9.03 33.05
CA GLY B 120 7.11 8.89 32.06
C GLY B 120 7.11 10.01 31.01
N LEU B 121 5.92 10.57 30.75
CA LEU B 121 5.86 11.70 29.82
C LEU B 121 6.44 12.90 30.45
N ALA B 122 6.06 13.19 31.73
CA ALA B 122 6.61 14.31 32.45
C ALA B 122 8.19 14.16 32.52
N GLN B 123 8.64 12.97 32.95
CA GLN B 123 10.07 12.71 33.08
C GLN B 123 10.81 12.83 31.73
N THR B 124 10.19 12.40 30.64
CA THR B 124 10.84 12.57 29.33
C THR B 124 11.01 14.03 28.97
N LEU B 125 9.95 14.83 29.21
CA LEU B 125 10.17 16.31 28.97
C LEU B 125 11.33 16.85 29.77
N LEU B 126 11.35 16.52 31.05
CA LEU B 126 12.34 17.10 31.91
C LEU B 126 13.67 16.54 31.51
N LEU B 127 13.81 15.27 31.08
CA LEU B 127 15.09 14.77 30.64
C LEU B 127 15.54 15.60 29.40
N ALA B 128 14.66 15.74 28.39
CA ALA B 128 15.08 16.51 27.20
C ALA B 128 15.54 17.95 27.58
N GLN B 129 14.88 18.51 28.60
CA GLN B 129 15.25 19.84 29.06
C GLN B 129 16.58 19.81 29.79
N ALA B 130 16.74 18.87 30.74
CA ALA B 130 17.97 18.82 31.49
C ALA B 130 19.18 18.40 30.71
N LEU B 131 19.02 17.57 29.68
CA LEU B 131 20.15 17.24 28.84
C LEU B 131 20.69 18.48 28.15
N GLY B 132 19.78 19.32 27.64
CA GLY B 132 20.15 20.65 27.05
C GLY B 132 20.85 21.50 28.11
N ASP B 133 20.22 21.56 29.30
CA ASP B 133 20.80 22.44 30.35
C ASP B 133 22.23 22.05 30.68
N ALA B 134 22.52 20.73 30.81
CA ALA B 134 23.89 20.27 31.17
C ALA B 134 24.79 20.14 30.05
N GLY B 135 24.32 20.33 28.82
CA GLY B 135 25.27 20.30 27.77
C GLY B 135 25.65 18.89 27.29
N LEU B 136 24.76 17.92 27.59
CA LEU B 136 25.00 16.58 26.95
C LEU B 136 24.50 16.64 25.55
N THR B 137 25.30 16.29 24.59
CA THR B 137 24.85 16.47 23.20
C THR B 137 24.59 15.11 22.47
N ALA B 138 24.76 14.02 23.20
CA ALA B 138 24.59 12.74 22.51
C ALA B 138 23.09 12.64 22.15
N PRO B 139 22.80 12.05 20.99
CA PRO B 139 21.39 11.91 20.54
C PRO B 139 20.55 11.14 21.50
N LEU B 140 19.35 11.72 21.83
CA LEU B 140 18.41 11.07 22.74
C LEU B 140 17.45 10.16 21.93
N TRP B 141 17.40 8.90 22.38
CA TRP B 141 16.45 7.90 21.85
C TRP B 141 15.44 7.58 22.90
N CYS B 142 14.19 7.62 22.57
CA CYS B 142 13.09 7.31 23.52
C CYS B 142 12.51 6.01 23.12
N LEU B 143 12.59 4.99 23.99
CA LEU B 143 12.06 3.63 23.75
C LEU B 143 10.67 3.48 24.33
N THR B 144 9.82 2.73 23.62
CA THR B 144 8.45 2.44 24.11
C THR B 144 8.22 0.93 23.86
N ARG B 145 7.15 0.41 24.39
CA ARG B 145 6.73 -1.02 24.23
C ARG B 145 5.28 -0.92 24.06
N GLY B 146 4.81 -1.12 22.83
CA GLY B 146 3.34 -1.11 22.66
C GLY B 146 2.76 0.29 22.43
N GLY B 147 3.57 1.22 22.01
CA GLY B 147 3.11 2.61 21.91
C GLY B 147 2.66 2.99 20.48
N VAL B 148 2.88 2.06 19.53
CA VAL B 148 2.49 2.22 18.07
C VAL B 148 1.92 0.89 17.65
N ALA B 149 1.07 0.98 16.61
CA ALA B 149 0.58 -0.18 15.90
C ALA B 149 1.30 -0.23 14.58
N ALA B 150 2.28 -1.12 14.52
CA ALA B 150 3.15 -1.27 13.34
C ALA B 150 3.22 -2.68 12.86
N GLY B 151 2.76 -2.84 11.63
CA GLY B 151 2.82 -4.18 11.00
C GLY B 151 1.50 -4.93 11.20
N ARG B 152 1.36 -6.03 10.43
CA ARG B 152 -0.05 -6.46 10.20
C ARG B 152 -0.85 -6.88 11.37
N GLY B 153 -0.51 -7.72 12.23
CA GLY B 153 -1.63 -7.78 13.24
C GLY B 153 -1.31 -7.07 14.56
N ASP B 154 -0.58 -5.94 14.50
CA ASP B 154 0.10 -5.53 15.71
C ASP B 154 -0.89 -5.02 16.72
N VAL B 155 -0.64 -5.20 18.01
CA VAL B 155 -1.57 -4.68 19.03
C VAL B 155 -0.91 -3.46 19.79
N LEU B 156 -1.53 -2.28 19.66
CA LEU B 156 -1.04 -1.12 20.47
C LEU B 156 -1.62 -1.32 21.85
N SER B 157 -0.75 -1.69 22.78
CA SER B 157 -1.11 -2.15 24.09
C SER B 157 -1.04 -1.02 25.09
N SER B 158 -0.27 0.05 24.77
CA SER B 158 -0.11 1.14 25.70
C SER B 158 -0.31 2.55 25.05
N PRO B 159 -1.60 3.02 25.03
CA PRO B 159 -1.81 4.41 24.58
C PRO B 159 -1.07 5.42 25.31
N VAL B 160 -0.90 5.27 26.61
CA VAL B 160 -0.07 6.22 27.31
C VAL B 160 1.36 6.39 26.76
N GLN B 161 1.98 5.31 26.42
CA GLN B 161 3.33 5.40 25.86
C GLN B 161 3.24 6.02 24.45
N GLY B 162 2.13 5.78 23.74
CA GLY B 162 1.90 6.38 22.47
C GLY B 162 1.96 7.87 22.49
N ALA B 163 1.53 8.51 23.60
CA ALA B 163 1.70 9.92 23.73
C ALA B 163 3.09 10.46 23.62
N LEU B 164 4.11 9.73 24.05
CA LEU B 164 5.50 10.00 24.00
C LEU B 164 5.98 10.22 22.50
N TRP B 165 5.34 9.56 21.56
CA TRP B 165 5.75 9.77 20.18
C TRP B 165 5.37 11.12 19.70
N GLY B 166 4.21 11.69 20.19
CA GLY B 166 3.90 13.04 19.79
C GLY B 166 4.93 14.03 20.31
N LEU B 167 5.29 13.98 21.57
CA LEU B 167 6.35 14.74 22.18
C LEU B 167 7.66 14.55 21.43
N GLY B 168 8.08 13.32 21.27
CA GLY B 168 9.33 13.13 20.64
C GLY B 168 9.49 13.74 19.20
N ARG B 169 8.49 13.60 18.36
CA ARG B 169 8.62 14.22 17.04
C ARG B 169 8.87 15.71 17.16
N VAL B 170 8.25 16.39 18.15
CA VAL B 170 8.45 17.81 18.30
C VAL B 170 9.87 18.06 18.86
N ILE B 171 10.40 17.20 19.75
CA ILE B 171 11.84 17.39 20.17
C ILE B 171 12.69 17.25 18.94
N GLY B 172 12.33 16.32 18.00
CA GLY B 172 13.20 16.20 16.75
C GLY B 172 13.16 17.55 15.92
N LEU B 173 11.99 18.27 15.93
CA LEU B 173 11.93 19.57 15.20
C LEU B 173 12.62 20.64 15.94
N GLU B 174 12.64 20.65 17.27
CA GLU B 174 13.20 21.83 18.03
C GLU B 174 14.67 21.66 18.39
N HIS B 175 15.07 20.37 18.63
CA HIS B 175 16.44 20.09 19.00
C HIS B 175 16.96 19.00 18.04
N PRO B 176 16.92 19.24 16.69
CA PRO B 176 17.29 18.15 15.73
C PRO B 176 18.73 17.65 15.91
N ASP B 177 19.60 18.45 16.50
CA ASP B 177 21.00 18.02 16.47
C ASP B 177 21.30 17.05 17.64
N ARG B 178 20.44 17.04 18.66
CA ARG B 178 20.62 16.20 19.84
C ARG B 178 19.47 15.13 20.02
N TRP B 179 18.69 14.92 18.95
CA TRP B 179 17.57 13.99 18.90
C TRP B 179 17.93 12.81 18.10
N GLY B 180 17.85 11.69 18.75
CA GLY B 180 18.02 10.41 18.07
C GLY B 180 16.74 9.92 17.37
N GLY B 181 15.75 9.61 18.21
CA GLY B 181 14.48 9.13 17.62
C GLY B 181 13.70 8.28 18.61
N LEU B 182 12.67 7.63 18.09
CA LEU B 182 11.80 6.77 18.83
C LEU B 182 11.90 5.37 18.32
N ILE B 183 11.90 4.41 19.24
CA ILE B 183 11.86 2.96 18.86
C ILE B 183 10.91 2.18 19.73
N ASP B 184 9.93 1.52 19.09
CA ASP B 184 9.01 0.64 19.81
C ASP B 184 9.63 -0.74 19.80
N LEU B 185 9.60 -1.38 20.95
CA LEU B 185 10.07 -2.82 21.11
C LEU B 185 8.93 -3.72 21.09
N PRO B 186 9.19 -4.99 20.71
CA PRO B 186 8.19 -6.06 20.71
C PRO B 186 8.02 -6.55 22.15
N GLU B 187 7.00 -7.40 22.28
CA GLU B 187 6.61 -7.94 23.55
C GLU B 187 7.71 -8.79 24.20
N THR B 188 8.34 -9.52 23.35
CA THR B 188 9.52 -10.24 23.87
C THR B 188 10.74 -9.81 23.09
N VAL B 189 11.71 -9.32 23.85
CA VAL B 189 12.95 -8.81 23.23
C VAL B 189 14.05 -9.94 23.12
N ASP B 190 13.97 -10.75 22.09
CA ASP B 190 14.92 -11.86 21.82
C ASP B 190 16.21 -11.36 21.23
N THR B 191 17.13 -12.24 20.93
CA THR B 191 18.44 -11.72 20.53
C THR B 191 18.37 -11.01 19.17
N ARG B 192 17.44 -11.43 18.33
CA ARG B 192 17.26 -10.76 17.01
C ARG B 192 16.76 -9.37 17.28
N ALA B 193 15.74 -9.22 18.10
CA ALA B 193 15.27 -7.85 18.46
C ALA B 193 16.35 -6.97 19.13
N ALA B 194 17.09 -7.53 20.09
CA ALA B 194 18.17 -6.86 20.79
C ALA B 194 19.29 -6.35 19.85
N ALA B 195 19.59 -7.17 18.82
CA ALA B 195 20.62 -6.80 17.89
C ALA B 195 20.09 -5.75 16.96
N ARG B 196 18.78 -5.83 16.62
CA ARG B 196 18.24 -4.71 15.82
C ARG B 196 18.29 -3.41 16.62
N LEU B 197 17.95 -3.47 17.94
CA LEU B 197 18.02 -2.26 18.75
C LEU B 197 19.47 -1.71 18.82
N THR B 198 20.45 -2.52 19.12
CA THR B 198 21.81 -1.98 19.32
C THR B 198 22.46 -1.54 18.02
N GLY B 199 22.01 -2.24 16.95
CA GLY B 199 22.39 -1.86 15.57
C GLY B 199 21.92 -0.47 15.22
N LEU B 200 20.61 -0.25 15.46
CA LEU B 200 20.08 1.14 15.22
C LEU B 200 20.73 2.19 16.06
N LEU B 201 21.05 1.91 17.32
CA LEU B 201 21.70 2.90 18.14
C LEU B 201 23.12 3.15 17.61
N ALA B 202 23.77 2.17 16.97
CA ALA B 202 25.04 2.42 16.31
C ALA B 202 24.90 3.32 15.07
N ASP B 203 23.93 3.02 14.18
CA ASP B 203 23.59 3.84 13.01
C ASP B 203 22.22 3.40 12.55
N ALA B 204 21.38 4.43 12.48
CA ALA B 204 20.02 4.16 12.09
C ALA B 204 19.69 4.50 10.62
N GLY B 205 20.72 4.83 9.87
CA GLY B 205 20.55 5.05 8.44
C GLY B 205 19.51 6.13 8.11
N GLY B 206 19.46 7.13 8.96
CA GLY B 206 18.58 8.30 8.71
C GLY B 206 17.16 8.09 9.19
N GLU B 207 16.85 6.93 9.74
CA GLU B 207 15.48 6.69 10.32
C GLU B 207 15.43 7.15 11.74
N ASP B 208 14.22 7.56 12.17
CA ASP B 208 14.11 8.03 13.55
C ASP B 208 12.72 7.72 14.12
N GLN B 209 11.88 6.93 13.48
CA GLN B 209 10.57 6.55 14.06
C GLN B 209 10.40 5.07 13.68
N LEU B 210 10.80 4.20 14.61
CA LEU B 210 11.04 2.80 14.27
C LEU B 210 10.24 1.88 15.13
N ALA B 211 9.93 0.72 14.56
CA ALA B 211 9.28 -0.31 15.41
C ALA B 211 10.00 -1.61 15.16
N ILE B 212 10.58 -2.22 16.21
CA ILE B 212 11.27 -3.52 16.04
C ILE B 212 10.16 -4.66 16.19
N ARG B 213 10.02 -5.57 15.20
CA ARG B 213 9.04 -6.61 15.33
C ARG B 213 9.66 -7.90 14.92
N GLY B 214 8.91 -8.97 15.15
CA GLY B 214 9.39 -10.34 14.79
C GLY B 214 9.92 -10.41 13.36
N SER B 215 9.16 -9.81 12.44
CA SER B 215 9.44 -9.84 11.01
C SER B 215 10.49 -8.88 10.46
N GLY B 216 10.90 -7.93 11.32
CA GLY B 216 11.91 -6.98 10.87
C GLY B 216 11.78 -5.63 11.54
N VAL B 217 12.58 -4.72 11.08
CA VAL B 217 12.53 -3.30 11.55
C VAL B 217 11.68 -2.52 10.62
N LEU B 218 10.67 -1.92 11.22
CA LEU B 218 9.64 -1.17 10.47
C LEU B 218 9.82 0.30 10.74
N ALA B 219 9.56 1.15 9.76
CA ALA B 219 9.74 2.63 9.99
C ALA B 219 8.47 3.32 9.48
N ARG B 220 8.18 4.42 10.17
CA ARG B 220 6.89 5.15 10.00
C ARG B 220 6.89 6.03 8.78
N ARG B 221 5.78 6.00 8.06
CA ARG B 221 5.71 6.70 6.82
C ARG B 221 4.33 7.37 6.74
N LEU B 222 4.30 8.58 6.09
CA LEU B 222 3.07 9.24 5.73
C LEU B 222 2.78 9.01 4.28
N ALA B 223 1.52 8.65 3.96
CA ALA B 223 1.17 8.37 2.54
C ALA B 223 -0.19 8.92 2.27
N HIS B 224 -0.44 9.25 0.97
CA HIS B 224 -1.82 9.53 0.58
C HIS B 224 -2.69 8.31 0.80
N ALA B 225 -3.92 8.58 1.27
CA ALA B 225 -4.88 7.46 1.43
C ALA B 225 -5.38 7.08 0.10
N ALA B 226 -5.86 5.83 0.09
CA ALA B 226 -6.55 5.37 -1.09
C ALA B 226 -7.82 6.21 -1.35
N PRO B 227 -8.10 6.57 -2.63
CA PRO B 227 -9.31 7.30 -3.01
C PRO B 227 -10.47 6.44 -2.65
N ALA B 228 -11.53 7.05 -2.19
CA ALA B 228 -12.67 6.32 -1.65
C ALA B 228 -13.32 5.56 -2.79
N VAL B 229 -13.75 4.35 -2.48
CA VAL B 229 -14.56 3.53 -3.43
C VAL B 229 -16.05 3.90 -3.28
N PRO B 230 -16.67 4.50 -4.32
CA PRO B 230 -18.08 4.88 -4.05
C PRO B 230 -18.99 3.65 -4.00
N GLY B 231 -20.11 3.85 -3.29
CA GLY B 231 -21.10 2.79 -3.07
C GLY B 231 -20.70 1.66 -2.15
N SER B 232 -19.57 1.83 -1.44
CA SER B 232 -18.94 0.76 -0.62
C SER B 232 -18.99 1.03 0.89
N GLY B 233 -19.82 1.95 1.34
CA GLY B 233 -19.86 2.41 2.72
C GLY B 233 -20.25 1.33 3.72
N LYS B 234 -19.60 1.37 4.86
CA LYS B 234 -19.74 0.41 5.97
C LYS B 234 -20.44 1.10 7.18
N ARG B 235 -20.65 2.42 7.09
CA ARG B 235 -21.10 3.17 8.26
C ARG B 235 -22.60 2.91 8.54
N PRO B 236 -22.95 2.51 9.77
CA PRO B 236 -24.40 2.42 10.01
C PRO B 236 -25.09 3.78 9.95
N PRO B 237 -26.42 3.83 9.70
CA PRO B 237 -27.05 5.18 9.64
C PRO B 237 -26.96 5.83 11.02
N VAL B 238 -26.87 7.15 11.00
CA VAL B 238 -26.76 8.00 12.21
C VAL B 238 -28.17 8.00 12.83
N HIS B 239 -28.24 7.65 14.11
CA HIS B 239 -29.51 7.60 14.80
C HIS B 239 -29.28 7.73 16.29
N GLY B 240 -30.38 7.75 17.05
CA GLY B 240 -30.29 7.70 18.51
C GLY B 240 -29.68 8.97 19.05
N SER B 241 -28.97 8.80 20.20
CA SER B 241 -28.29 10.01 20.73
C SER B 241 -26.79 9.94 20.31
N VAL B 242 -26.34 11.13 19.93
CA VAL B 242 -24.90 11.34 19.64
C VAL B 242 -24.35 12.42 20.45
N LEU B 243 -23.24 12.11 21.15
CA LEU B 243 -22.53 13.03 22.01
C LEU B 243 -21.37 13.68 21.27
N VAL B 244 -21.41 15.00 21.19
CA VAL B 244 -20.28 15.74 20.64
C VAL B 244 -19.69 16.63 21.75
N THR B 245 -18.47 16.28 22.16
CA THR B 245 -17.75 17.13 23.15
C THR B 245 -17.17 18.31 22.37
N GLY B 246 -17.02 19.42 23.05
CA GLY B 246 -16.83 20.72 22.34
C GLY B 246 -17.83 20.97 21.24
N GLY B 247 -19.05 20.50 21.50
CA GLY B 247 -20.09 20.50 20.53
C GLY B 247 -20.83 21.77 20.26
N THR B 248 -20.51 22.80 21.05
CA THR B 248 -21.24 24.10 21.00
C THR B 248 -20.76 25.11 19.92
N GLY B 249 -19.54 24.95 19.43
CA GLY B 249 -19.08 25.92 18.41
C GLY B 249 -17.91 25.25 17.73
N GLY B 250 -17.24 26.03 16.88
CA GLY B 250 -16.09 25.56 16.10
C GLY B 250 -16.42 24.28 15.33
N ILE B 251 -15.48 23.35 15.30
CA ILE B 251 -15.66 22.20 14.42
C ILE B 251 -16.75 21.28 14.94
N GLY B 252 -16.84 21.16 16.26
CA GLY B 252 -17.88 20.33 16.90
C GLY B 252 -19.24 20.80 16.52
N GLY B 253 -19.48 22.13 16.54
CA GLY B 253 -20.80 22.54 16.08
C GLY B 253 -21.20 22.25 14.64
N ARG B 254 -20.25 22.34 13.75
CA ARG B 254 -20.47 21.95 12.34
C ARG B 254 -20.78 20.43 12.19
N VAL B 255 -20.03 19.63 12.93
CA VAL B 255 -20.30 18.16 13.01
C VAL B 255 -21.74 17.92 13.46
N ALA B 256 -22.12 18.59 14.58
CA ALA B 256 -23.44 18.38 15.17
C ALA B 256 -24.52 18.67 14.11
N ARG B 257 -24.35 19.76 13.33
CA ARG B 257 -25.28 20.08 12.24
C ARG B 257 -25.38 18.98 11.17
N ARG B 258 -24.25 18.39 10.79
CA ARG B 258 -24.33 17.27 9.84
C ARG B 258 -24.96 16.01 10.40
N LEU B 259 -24.75 15.75 11.69
CA LEU B 259 -25.33 14.59 12.31
C LEU B 259 -26.83 14.70 12.30
N ALA B 260 -27.30 15.93 12.54
CA ALA B 260 -28.75 16.25 12.50
C ALA B 260 -29.24 15.98 11.08
N GLU B 261 -28.50 16.41 10.09
CA GLU B 261 -28.96 16.19 8.73
C GLU B 261 -29.06 14.70 8.46
N GLN B 262 -28.09 13.93 8.98
CA GLN B 262 -27.91 12.52 8.65
C GLN B 262 -28.78 11.58 9.43
N GLY B 263 -29.52 12.09 10.46
CA GLY B 263 -30.47 11.20 11.08
C GLY B 263 -30.50 11.08 12.61
N ALA B 264 -29.54 11.76 13.24
CA ALA B 264 -29.47 11.67 14.70
C ALA B 264 -30.82 12.09 15.31
N ALA B 265 -31.25 11.40 16.37
CA ALA B 265 -32.51 11.80 17.01
C ALA B 265 -32.28 12.85 18.07
N HIS B 266 -31.08 12.85 18.65
CA HIS B 266 -30.83 13.65 19.82
C HIS B 266 -29.33 13.97 19.79
N LEU B 267 -29.00 15.25 19.80
CA LEU B 267 -27.61 15.69 19.92
C LEU B 267 -27.36 16.16 21.31
N VAL B 268 -26.32 15.66 21.92
CA VAL B 268 -25.89 16.07 23.22
C VAL B 268 -24.53 16.80 23.02
N LEU B 269 -24.58 18.11 23.28
CA LEU B 269 -23.42 18.93 23.05
C LEU B 269 -22.85 19.36 24.36
N THR B 270 -21.58 19.13 24.55
CA THR B 270 -20.95 19.59 25.81
C THR B 270 -19.81 20.54 25.53
N SER B 271 -19.55 21.40 26.49
CA SER B 271 -18.39 22.30 26.39
C SER B 271 -18.24 22.82 27.80
N ARG B 272 -17.17 23.60 28.07
CA ARG B 272 -17.04 24.10 29.44
C ARG B 272 -18.13 25.10 29.79
N ARG B 273 -18.54 25.91 28.83
CA ARG B 273 -19.55 26.93 29.07
C ARG B 273 -21.00 26.48 28.78
N GLY B 274 -21.13 25.34 28.13
CA GLY B 274 -22.46 24.83 27.72
C GLY B 274 -23.35 25.85 27.03
N ALA B 275 -24.53 26.06 27.61
CA ALA B 275 -25.57 26.87 26.97
C ALA B 275 -25.14 28.33 26.82
N ASP B 276 -24.11 28.72 27.59
CA ASP B 276 -23.56 30.09 27.56
C ASP B 276 -22.35 30.19 26.66
N ALA B 277 -22.04 29.10 25.94
CA ALA B 277 -20.92 29.15 25.02
C ALA B 277 -21.26 30.08 23.85
N PRO B 278 -20.23 30.70 23.21
CA PRO B 278 -20.52 31.64 22.13
C PRO B 278 -21.20 30.97 20.92
N GLY B 279 -22.33 31.52 20.55
CA GLY B 279 -23.10 31.00 19.43
C GLY B 279 -23.96 29.82 19.78
N ALA B 280 -23.88 29.28 21.01
CA ALA B 280 -24.67 28.08 21.41
C ALA B 280 -26.18 28.15 21.17
N ALA B 281 -26.78 29.30 21.49
CA ALA B 281 -28.23 29.39 21.37
C ALA B 281 -28.68 29.35 19.94
N GLU B 282 -27.90 29.97 19.05
CA GLU B 282 -28.26 29.97 17.64
C GLU B 282 -28.05 28.55 17.06
N LEU B 283 -26.94 27.91 17.45
CA LEU B 283 -26.73 26.49 17.16
C LEU B 283 -27.94 25.66 17.63
N ARG B 284 -28.39 25.78 18.88
CA ARG B 284 -29.54 24.97 19.31
C ARG B 284 -30.74 25.23 18.40
N ALA B 285 -31.00 26.51 18.06
CA ALA B 285 -32.16 26.83 17.19
C ALA B 285 -32.04 26.20 15.80
N GLU B 286 -30.90 26.36 15.13
CA GLU B 286 -30.59 25.58 13.89
C GLU B 286 -30.89 24.05 14.02
N LEU B 287 -30.41 23.35 15.06
CA LEU B 287 -30.65 21.89 15.18
C LEU B 287 -32.12 21.52 15.41
N GLU B 288 -32.80 22.41 16.11
CA GLU B 288 -34.16 22.02 16.41
C GLU B 288 -35.05 22.13 15.18
N GLN B 289 -34.70 23.09 14.32
CA GLN B 289 -35.34 23.31 12.99
C GLN B 289 -35.24 22.01 12.17
N LEU B 290 -34.19 21.24 12.42
CA LEU B 290 -33.92 20.03 11.62
C LEU B 290 -34.70 18.80 12.18
N GLY B 291 -35.47 19.01 13.26
CA GLY B 291 -36.24 17.95 13.90
C GLY B 291 -35.53 17.17 14.98
N VAL B 292 -34.45 17.72 15.53
CA VAL B 292 -33.63 16.98 16.51
C VAL B 292 -33.85 17.47 17.93
N ARG B 293 -33.92 16.55 18.91
CA ARG B 293 -33.85 16.95 20.29
C ARG B 293 -32.45 17.45 20.59
N VAL B 294 -32.27 18.49 21.37
CA VAL B 294 -30.97 19.07 21.67
C VAL B 294 -30.79 19.18 23.11
N THR B 295 -29.67 18.72 23.58
CA THR B 295 -29.27 18.88 24.94
C THR B 295 -27.90 19.58 24.89
N ILE B 296 -27.81 20.67 25.63
CA ILE B 296 -26.57 21.39 25.76
C ILE B 296 -26.20 21.39 27.20
N ALA B 297 -25.03 20.88 27.50
CA ALA B 297 -24.60 20.81 28.88
C ALA B 297 -23.22 21.45 29.08
N ALA B 298 -23.08 22.13 30.20
CA ALA B 298 -21.81 22.62 30.60
C ALA B 298 -20.78 21.52 31.03
N CYS B 299 -21.03 20.27 30.61
CA CYS B 299 -20.26 19.10 30.99
C CYS B 299 -18.82 18.99 30.50
N ASP B 300 -17.92 18.70 31.43
CA ASP B 300 -16.50 18.56 31.11
C ASP B 300 -16.15 17.09 31.18
N ALA B 301 -15.73 16.47 30.06
CA ALA B 301 -15.62 15.01 30.03
C ALA B 301 -14.45 14.52 30.87
N ALA B 302 -13.54 15.48 31.20
CA ALA B 302 -12.51 15.11 32.14
C ALA B 302 -13.08 14.96 33.53
N ASP B 303 -14.36 15.37 33.74
CA ASP B 303 -14.97 15.11 35.08
C ASP B 303 -15.83 13.88 34.89
N ARG B 304 -15.38 12.73 35.35
CA ARG B 304 -16.00 11.45 35.06
C ARG B 304 -17.45 11.40 35.66
N GLU B 305 -17.66 11.92 36.87
CA GLU B 305 -19.04 11.88 37.47
C GLU B 305 -20.05 12.66 36.63
N ALA B 306 -19.64 13.83 36.08
CA ALA B 306 -20.55 14.63 35.25
C ALA B 306 -20.86 13.93 33.94
N LEU B 307 -19.83 13.36 33.29
CA LEU B 307 -20.05 12.60 32.13
C LEU B 307 -21.03 11.41 32.36
N ALA B 308 -20.82 10.74 33.50
CA ALA B 308 -21.66 9.60 33.75
C ALA B 308 -23.12 10.02 33.98
N ALA B 309 -23.27 11.13 34.63
CA ALA B 309 -24.65 11.64 34.94
C ALA B 309 -25.35 12.01 33.60
N LEU B 310 -24.60 12.67 32.68
CA LEU B 310 -25.18 12.95 31.37
C LEU B 310 -25.60 11.67 30.64
N LEU B 311 -24.77 10.64 30.69
CA LEU B 311 -25.07 9.41 29.96
C LEU B 311 -26.19 8.62 30.62
N ALA B 312 -26.42 8.86 31.92
CA ALA B 312 -27.47 8.14 32.63
C ALA B 312 -28.85 8.63 32.39
N GLU B 313 -28.97 9.77 31.74
CA GLU B 313 -30.33 10.32 31.61
C GLU B 313 -30.77 10.40 30.14
N LEU B 314 -30.06 9.68 29.29
CA LEU B 314 -30.48 9.64 27.85
C LEU B 314 -31.87 9.02 27.68
N PRO B 315 -32.62 9.44 26.65
CA PRO B 315 -34.01 8.90 26.51
C PRO B 315 -34.03 7.42 26.24
N GLU B 316 -35.06 6.69 26.74
CA GLU B 316 -35.07 5.20 26.51
C GLU B 316 -35.16 4.89 25.05
N ASP B 317 -35.77 5.79 24.27
CA ASP B 317 -35.91 5.56 22.85
C ASP B 317 -34.72 6.09 22.03
N ALA B 318 -33.70 6.58 22.72
CA ALA B 318 -32.51 7.22 22.01
C ALA B 318 -31.22 6.92 22.79
N PRO B 319 -30.89 5.64 22.84
CA PRO B 319 -29.61 5.30 23.47
C PRO B 319 -28.41 5.91 22.68
N LEU B 320 -27.31 6.08 23.39
CA LEU B 320 -26.10 6.54 22.78
C LEU B 320 -25.62 5.64 21.69
N THR B 321 -25.37 6.17 20.53
CA THR B 321 -24.84 5.40 19.40
C THR B 321 -23.45 5.87 18.94
N ALA B 322 -23.03 7.08 19.28
CA ALA B 322 -21.73 7.54 18.83
C ALA B 322 -21.25 8.67 19.71
N VAL B 323 -19.92 8.77 19.78
CA VAL B 323 -19.20 9.89 20.44
C VAL B 323 -18.26 10.55 19.44
N PHE B 324 -18.28 11.89 19.42
CA PHE B 324 -17.30 12.71 18.70
C PHE B 324 -16.63 13.59 19.71
N HIS B 325 -15.34 13.43 19.89
CA HIS B 325 -14.59 14.14 20.88
C HIS B 325 -13.83 15.28 20.23
N SER B 326 -14.42 16.44 20.27
CA SER B 326 -13.76 17.64 19.70
C SER B 326 -13.23 18.57 20.77
N ALA B 327 -13.43 18.20 22.04
CA ALA B 327 -13.06 19.12 23.18
C ALA B 327 -11.52 19.28 23.20
N GLY B 328 -11.03 20.42 23.70
CA GLY B 328 -9.56 20.53 23.99
C GLY B 328 -8.92 21.72 23.29
N VAL B 329 -8.04 22.41 23.97
CA VAL B 329 -7.50 23.64 23.42
C VAL B 329 -6.02 23.39 23.07
N ALA B 330 -5.49 24.27 22.23
CA ALA B 330 -4.11 24.23 21.83
C ALA B 330 -3.31 25.32 22.44
N HIS B 331 -4.00 26.24 23.14
CA HIS B 331 -3.37 27.44 23.67
C HIS B 331 -2.56 27.14 24.89
N ASP B 332 -1.62 28.04 25.21
CA ASP B 332 -0.77 27.89 26.35
C ASP B 332 0.13 26.59 26.24
N ASP B 333 0.70 26.40 25.07
CA ASP B 333 1.79 25.44 24.87
C ASP B 333 3.05 26.28 24.84
N ALA B 334 4.17 25.63 24.64
CA ALA B 334 5.46 26.29 24.68
C ALA B 334 6.53 25.40 24.04
N PRO B 335 7.68 26.01 23.68
CA PRO B 335 8.74 25.15 23.17
C PRO B 335 9.15 24.10 24.21
N VAL B 336 9.71 22.98 23.73
CA VAL B 336 10.19 21.96 24.62
C VAL B 336 11.07 22.47 25.76
N ALA B 337 11.94 23.38 25.47
CA ALA B 337 12.92 23.82 26.45
C ALA B 337 12.24 24.63 27.55
N ASP B 338 10.99 25.08 27.33
CA ASP B 338 10.34 25.98 28.30
C ASP B 338 9.05 25.43 28.91
N LEU B 339 8.46 24.41 28.28
CA LEU B 339 7.13 23.93 28.71
C LEU B 339 7.18 23.50 30.18
N THR B 340 6.16 23.92 30.95
CA THR B 340 6.09 23.44 32.33
C THR B 340 5.15 22.24 32.49
N LEU B 341 5.29 21.46 33.53
CA LEU B 341 4.33 20.40 33.78
C LEU B 341 2.92 20.87 34.01
N GLY B 342 2.74 22.08 34.52
CA GLY B 342 1.36 22.56 34.59
C GLY B 342 0.76 22.89 33.27
N GLN B 343 1.57 23.48 32.40
CA GLN B 343 1.11 23.70 31.05
C GLN B 343 0.80 22.36 30.38
N LEU B 344 1.73 21.37 30.49
CA LEU B 344 1.42 20.09 29.87
C LEU B 344 0.13 19.50 30.45
N ASP B 345 -0.09 19.58 31.77
CA ASP B 345 -1.27 18.99 32.33
C ASP B 345 -2.50 19.57 31.76
N ALA B 346 -2.53 20.89 31.60
CA ALA B 346 -3.76 21.52 31.03
C ALA B 346 -4.01 21.09 29.59
N LEU B 347 -2.94 20.90 28.79
CA LEU B 347 -3.16 20.39 27.43
C LEU B 347 -3.56 18.92 27.35
N MET B 348 -3.06 18.14 28.28
CA MET B 348 -3.38 16.70 28.34
C MET B 348 -4.82 16.49 28.87
N ARG B 349 -5.30 17.36 29.75
CA ARG B 349 -6.58 17.05 30.43
C ARG B 349 -7.78 16.85 29.54
N ALA B 350 -7.95 17.66 28.54
CA ALA B 350 -9.10 17.45 27.72
C ALA B 350 -8.94 16.40 26.72
N LYS B 351 -7.72 15.90 26.58
CA LYS B 351 -7.47 14.83 25.59
C LYS B 351 -7.34 13.48 26.26
N LEU B 352 -6.26 13.21 26.98
CA LEU B 352 -6.09 11.99 27.72
C LEU B 352 -7.17 11.72 28.77
N THR B 353 -7.36 12.63 29.74
CA THR B 353 -8.33 12.34 30.79
C THR B 353 -9.78 12.22 30.25
N ALA B 354 -10.18 13.18 29.45
CA ALA B 354 -11.56 13.14 28.91
C ALA B 354 -11.73 11.92 28.04
N ALA B 355 -10.73 11.56 27.13
CA ALA B 355 -10.99 10.49 26.17
C ALA B 355 -10.91 9.16 26.93
N ARG B 356 -10.07 9.04 28.02
CA ARG B 356 -10.10 7.79 28.82
C ARG B 356 -11.46 7.61 29.47
N HIS B 357 -12.03 8.67 30.09
CA HIS B 357 -13.36 8.55 30.57
C HIS B 357 -14.38 8.17 29.54
N LEU B 358 -14.32 8.82 28.35
CA LEU B 358 -15.31 8.48 27.33
C LEU B 358 -15.21 7.00 26.98
N HIS B 359 -13.98 6.51 26.83
CA HIS B 359 -13.73 5.14 26.53
C HIS B 359 -14.26 4.21 27.61
N GLU B 360 -13.95 4.45 28.90
CA GLU B 360 -14.36 3.60 29.99
C GLU B 360 -15.88 3.56 30.12
N LEU B 361 -16.51 4.73 29.95
CA LEU B 361 -17.96 4.85 30.17
C LEU B 361 -18.74 4.37 28.97
N THR B 362 -18.14 4.10 27.82
CA THR B 362 -18.90 3.53 26.69
C THR B 362 -18.37 2.16 26.15
N ALA B 363 -17.31 1.64 26.73
CA ALA B 363 -16.71 0.33 26.31
C ALA B 363 -17.74 -0.84 26.28
N ASP B 364 -18.81 -0.71 27.05
CA ASP B 364 -19.88 -1.72 27.14
C ASP B 364 -21.12 -1.42 26.27
N LEU B 365 -21.11 -0.32 25.54
CA LEU B 365 -22.31 0.09 24.85
C LEU B 365 -22.04 -0.42 23.44
N ASP B 366 -22.90 -0.33 22.54
CA ASP B 366 -22.09 -1.03 21.45
C ASP B 366 -21.98 -0.04 20.33
N LEU B 367 -21.10 0.92 20.51
CA LEU B 367 -21.21 2.13 19.73
C LEU B 367 -21.02 1.90 18.28
N ASP B 368 -21.65 2.76 17.44
CA ASP B 368 -21.39 2.68 16.00
C ASP B 368 -20.10 3.44 15.63
N ALA B 369 -19.77 4.51 16.40
CA ALA B 369 -18.60 5.34 16.14
C ALA B 369 -18.08 5.89 17.44
N PHE B 370 -16.75 6.04 17.49
CA PHE B 370 -16.10 6.68 18.66
C PHE B 370 -14.98 7.44 18.03
N VAL B 371 -15.19 8.74 17.77
CA VAL B 371 -14.35 9.53 16.87
C VAL B 371 -13.60 10.51 17.73
N LEU B 372 -12.24 10.48 17.62
CA LEU B 372 -11.36 11.38 18.41
C LEU B 372 -10.71 12.37 17.46
N PHE B 373 -10.78 13.67 17.73
CA PHE B 373 -10.17 14.65 16.83
C PHE B 373 -8.78 14.97 17.33
N SER B 374 -7.82 14.62 16.51
CA SER B 374 -6.38 14.79 16.74
C SER B 374 -5.94 15.97 15.88
N SER B 375 -4.62 16.03 15.54
CA SER B 375 -4.06 17.18 14.87
C SER B 375 -2.78 16.71 14.17
N GLY B 376 -2.49 17.37 13.05
CA GLY B 376 -1.19 17.17 12.41
C GLY B 376 -0.02 17.41 13.33
N ALA B 377 -0.19 18.23 14.37
CA ALA B 377 0.87 18.29 15.34
C ALA B 377 1.26 16.96 15.93
N ALA B 378 0.36 16.05 16.06
CA ALA B 378 0.65 14.75 16.57
C ALA B 378 1.11 13.82 15.44
N VAL B 379 0.64 14.03 14.23
CA VAL B 379 0.93 13.05 13.18
C VAL B 379 2.29 13.27 12.57
N TRP B 380 2.64 14.52 12.23
CA TRP B 380 3.98 14.83 11.68
C TRP B 380 4.82 15.64 12.63
N GLY B 381 4.23 16.42 13.53
CA GLY B 381 5.01 17.27 14.38
C GLY B 381 4.90 18.72 14.04
N SER B 382 4.84 19.65 15.02
CA SER B 382 4.79 21.08 14.78
C SER B 382 5.69 21.68 15.87
N GLY B 383 6.69 22.45 15.39
CA GLY B 383 7.51 23.22 16.35
C GLY B 383 6.65 24.12 17.19
N GLY B 384 6.98 24.19 18.47
CA GLY B 384 6.20 25.01 19.37
C GLY B 384 5.01 24.36 20.00
N GLN B 385 4.71 23.12 19.60
CA GLN B 385 3.44 22.50 20.10
C GLN B 385 3.74 21.08 20.71
N PRO B 386 4.77 21.00 21.54
CA PRO B 386 5.04 19.63 22.11
C PRO B 386 3.87 19.13 22.96
N GLY B 387 3.26 20.01 23.77
CA GLY B 387 2.19 19.57 24.68
C GLY B 387 0.93 19.09 23.95
N TYR B 388 0.55 19.85 22.93
CA TYR B 388 -0.60 19.50 22.10
C TYR B 388 -0.28 18.29 21.22
N ALA B 389 0.99 18.21 20.79
CA ALA B 389 1.33 16.99 19.98
C ALA B 389 1.21 15.73 20.88
N ALA B 390 1.73 15.82 22.14
CA ALA B 390 1.65 14.60 23.01
C ALA B 390 0.13 14.25 23.27
N ALA B 391 -0.63 15.27 23.61
CA ALA B 391 -2.05 15.04 23.98
C ALA B 391 -2.77 14.39 22.80
N ASN B 392 -2.59 14.93 21.59
CA ASN B 392 -3.29 14.37 20.40
C ASN B 392 -2.73 13.00 20.04
N ALA B 393 -1.40 12.74 20.24
CA ALA B 393 -0.89 11.42 19.92
C ALA B 393 -1.50 10.37 20.85
N TYR B 394 -1.85 10.77 22.08
CA TYR B 394 -2.55 9.77 22.93
C TYR B 394 -3.92 9.41 22.30
N LEU B 395 -4.64 10.40 21.74
CA LEU B 395 -5.93 10.06 21.03
C LEU B 395 -5.72 9.04 19.93
N ASP B 396 -4.71 9.28 19.07
CA ASP B 396 -4.50 8.38 17.95
C ASP B 396 -4.18 6.94 18.45
N ALA B 397 -3.35 6.92 19.47
CA ALA B 397 -2.99 5.57 20.06
C ALA B 397 -4.19 4.94 20.73
N LEU B 398 -5.05 5.76 21.37
CA LEU B 398 -6.22 5.09 22.01
C LEU B 398 -7.16 4.51 21.00
N ALA B 399 -7.34 5.17 19.83
CA ALA B 399 -8.18 4.59 18.77
C ALA B 399 -7.67 3.20 18.30
N GLU B 400 -6.31 3.03 18.10
CA GLU B 400 -5.75 1.77 17.73
C GLU B 400 -5.93 0.77 18.87
N HIS B 401 -5.69 1.22 20.10
CA HIS B 401 -5.88 0.32 21.21
C HIS B 401 -7.32 -0.21 21.31
N ARG B 402 -8.32 0.70 21.21
CA ARG B 402 -9.72 0.24 21.14
C ARG B 402 -9.98 -0.73 20.09
N ARG B 403 -9.46 -0.60 18.85
CA ARG B 403 -9.68 -1.62 17.83
C ARG B 403 -9.15 -3.00 18.27
N SER B 404 -8.04 -3.01 19.04
CA SER B 404 -7.51 -4.27 19.56
C SER B 404 -8.39 -5.00 20.55
N LEU B 405 -9.26 -4.23 21.21
CA LEU B 405 -10.29 -4.75 22.10
C LEU B 405 -11.58 -5.12 21.37
N GLY B 406 -11.61 -4.95 20.05
CA GLY B 406 -12.79 -5.23 19.22
C GLY B 406 -13.85 -4.18 19.37
N LEU B 407 -13.44 -2.99 19.76
CA LEU B 407 -14.33 -1.80 19.85
C LEU B 407 -14.08 -0.84 18.71
N THR B 408 -15.09 -0.16 18.25
CA THR B 408 -14.95 0.84 17.19
C THR B 408 -14.18 2.07 17.70
N ALA B 409 -13.34 2.61 16.83
CA ALA B 409 -12.68 3.88 17.15
C ALA B 409 -12.06 4.42 15.90
N SER B 410 -12.07 5.69 15.79
CA SER B 410 -11.57 6.41 14.58
C SER B 410 -10.79 7.62 15.20
N SER B 411 -9.55 7.93 14.74
CA SER B 411 -8.88 9.18 15.07
C SER B 411 -8.65 9.94 13.82
N VAL B 412 -9.04 11.21 13.84
CA VAL B 412 -8.91 12.09 12.67
C VAL B 412 -8.05 13.25 12.95
N ALA B 413 -6.84 13.29 12.39
CA ALA B 413 -5.87 14.34 12.68
C ALA B 413 -6.03 15.50 11.73
N TRP B 414 -6.51 16.62 12.24
CA TRP B 414 -6.84 17.70 11.30
C TRP B 414 -5.58 18.48 11.00
N GLY B 415 -5.53 19.00 9.75
CA GLY B 415 -4.64 20.16 9.45
C GLY B 415 -5.31 21.47 9.87
N THR B 416 -5.20 22.53 9.07
CA THR B 416 -5.70 23.88 9.40
C THR B 416 -7.12 24.06 8.94
N TRP B 417 -7.96 24.63 9.80
CA TRP B 417 -9.37 24.98 9.49
C TRP B 417 -9.66 26.41 8.96
N GLY B 418 -10.48 26.53 7.90
CA GLY B 418 -10.79 27.83 7.30
C GLY B 418 -11.68 28.67 8.22
N GLU B 419 -12.97 28.70 7.90
CA GLU B 419 -13.93 29.45 8.70
C GLU B 419 -13.99 29.00 10.18
N PRO B 426 -3.02 33.12 17.33
CA PRO B 426 -3.04 33.94 16.11
C PRO B 426 -1.77 33.75 15.28
N GLU B 427 -0.60 33.87 15.94
CA GLU B 427 0.71 33.66 15.31
C GLU B 427 1.01 32.19 14.99
N VAL B 428 0.37 31.28 15.72
CA VAL B 428 0.50 29.82 15.48
C VAL B 428 -0.31 29.42 14.21
N HIS B 429 -1.55 29.87 14.14
CA HIS B 429 -2.32 29.73 12.91
C HIS B 429 -1.52 30.27 11.71
N ASP B 430 -1.04 31.52 11.79
CA ASP B 430 -0.41 32.11 10.62
C ASP B 430 0.92 31.48 10.27
N ARG B 431 1.59 30.95 11.28
CA ARG B 431 2.85 30.21 11.08
C ARG B 431 2.58 28.88 10.33
N LEU B 432 1.54 28.17 10.76
CA LEU B 432 1.17 26.91 10.10
C LEU B 432 0.82 27.09 8.62
N VAL B 433 -0.01 28.08 8.35
CA VAL B 433 -0.33 28.44 6.97
C VAL B 433 0.91 28.77 6.14
N ARG B 434 1.84 29.51 6.70
CA ARG B 434 2.98 29.88 5.90
C ARG B 434 3.99 28.73 5.76
N GLN B 435 3.84 27.70 6.62
CA GLN B 435 4.64 26.47 6.48
C GLN B 435 3.95 25.51 5.50
N GLY B 436 2.82 25.94 4.91
CA GLY B 436 2.11 25.17 3.86
C GLY B 436 1.03 24.23 4.36
N VAL B 437 0.69 24.32 5.67
CA VAL B 437 -0.49 23.58 6.16
C VAL B 437 -1.66 24.52 5.94
N LEU B 438 -2.29 24.38 4.78
CA LEU B 438 -3.30 25.36 4.36
C LEU B 438 -4.66 25.25 4.97
N ALA B 439 -5.33 26.40 5.08
CA ALA B 439 -6.68 26.31 5.60
C ALA B 439 -7.64 25.55 4.68
N MET B 440 -8.34 24.57 5.28
CA MET B 440 -9.27 23.75 4.55
C MET B 440 -10.67 24.38 4.44
N GLU B 441 -11.35 24.06 3.35
CA GLU B 441 -12.83 24.30 3.29
C GLU B 441 -13.60 23.38 4.23
N PRO B 442 -14.42 23.91 5.14
CA PRO B 442 -15.08 23.01 6.07
C PRO B 442 -15.86 21.87 5.39
N GLU B 443 -16.56 22.13 4.30
CA GLU B 443 -17.32 21.08 3.57
C GLU B 443 -16.43 19.97 3.04
N HIS B 444 -15.21 20.35 2.66
CA HIS B 444 -14.30 19.35 2.08
C HIS B 444 -13.75 18.54 3.26
N ALA B 445 -13.34 19.19 4.34
CA ALA B 445 -12.83 18.43 5.51
C ALA B 445 -13.84 17.47 6.14
N LEU B 446 -15.08 17.96 6.35
CA LEU B 446 -16.13 17.12 6.93
C LEU B 446 -16.61 16.02 5.98
N GLY B 447 -16.58 16.30 4.68
CA GLY B 447 -16.82 15.25 3.66
C GLY B 447 -15.78 14.13 3.64
N ALA B 448 -14.52 14.55 3.83
CA ALA B 448 -13.43 13.62 3.97
C ALA B 448 -13.57 12.78 5.22
N LEU B 449 -14.02 13.37 6.36
CA LEU B 449 -14.29 12.60 7.57
C LEU B 449 -15.45 11.59 7.27
N ASP B 450 -16.51 12.03 6.57
CA ASP B 450 -17.52 11.02 6.23
C ASP B 450 -16.95 9.87 5.38
N GLN B 451 -15.98 10.18 4.49
CA GLN B 451 -15.33 9.11 3.69
C GLN B 451 -14.54 8.11 4.60
N MET B 452 -13.81 8.69 5.54
CA MET B 452 -13.17 7.85 6.57
C MET B 452 -14.12 6.91 7.32
N LEU B 453 -15.26 7.51 7.77
CA LEU B 453 -16.21 6.75 8.52
C LEU B 453 -16.90 5.67 7.64
N GLU B 454 -17.16 6.03 6.40
CA GLU B 454 -17.75 5.03 5.47
C GLU B 454 -16.75 3.93 5.20
N ASN B 455 -15.47 4.23 5.22
CA ASN B 455 -14.47 3.13 5.13
C ASN B 455 -14.24 2.37 6.45
N ASP B 456 -14.75 2.93 7.58
CA ASP B 456 -14.41 2.44 8.91
C ASP B 456 -12.87 2.39 9.05
N ASP B 457 -12.23 3.45 8.58
CA ASP B 457 -10.74 3.53 8.82
C ASP B 457 -10.50 3.83 10.32
N THR B 458 -9.36 3.35 10.89
CA THR B 458 -9.03 3.61 12.26
C THR B 458 -8.38 4.94 12.46
N ALA B 459 -7.50 5.37 11.53
CA ALA B 459 -6.73 6.57 11.70
C ALA B 459 -6.55 7.24 10.34
N ALA B 460 -6.57 8.58 10.32
CA ALA B 460 -6.23 9.30 9.09
C ALA B 460 -5.83 10.68 9.53
N ALA B 461 -5.16 11.41 8.65
CA ALA B 461 -5.00 12.82 8.78
C ALA B 461 -5.75 13.40 7.58
N ILE B 462 -6.40 14.52 7.83
CA ILE B 462 -7.15 15.21 6.80
C ILE B 462 -6.63 16.63 6.83
N THR B 463 -5.95 16.97 5.73
CA THR B 463 -5.18 18.26 5.70
C THR B 463 -5.01 18.65 4.22
N LEU B 464 -5.06 19.99 4.00
CA LEU B 464 -4.69 20.50 2.66
C LEU B 464 -3.24 20.94 2.78
N MET B 465 -2.34 20.40 1.96
CA MET B 465 -0.90 20.66 2.07
C MET B 465 -0.41 21.37 0.81
N ASP B 466 0.51 22.37 0.97
CA ASP B 466 1.31 22.79 -0.16
C ASP B 466 2.67 22.15 0.05
N TRP B 467 2.92 20.98 -0.55
CA TRP B 467 4.15 20.24 -0.33
C TRP B 467 5.41 20.98 -0.72
N GLU B 468 5.27 21.83 -1.76
CA GLU B 468 6.43 22.68 -2.15
C GLU B 468 6.87 23.63 -1.07
N MET B 469 5.94 24.13 -0.24
CA MET B 469 6.26 24.97 0.91
C MET B 469 6.55 24.19 2.16
N PHE B 470 5.79 23.13 2.36
CA PHE B 470 5.93 22.36 3.61
C PHE B 470 7.24 21.51 3.66
N ALA B 471 7.53 20.67 2.65
CA ALA B 471 8.71 19.80 2.68
C ALA B 471 10.05 20.46 2.92
N PRO B 472 10.31 21.58 2.28
CA PRO B 472 11.61 22.13 2.53
C PRO B 472 11.71 22.74 3.90
N ALA B 473 10.64 23.35 4.37
CA ALA B 473 10.61 23.99 5.69
C ALA B 473 10.80 22.89 6.75
N PHE B 474 10.04 21.82 6.57
CA PHE B 474 10.07 20.77 7.59
C PHE B 474 11.38 20.05 7.66
N THR B 475 12.14 19.95 6.58
CA THR B 475 13.43 19.27 6.54
C THR B 475 14.69 20.13 6.50
N ALA B 476 14.50 21.37 6.86
CA ALA B 476 15.62 22.35 6.70
C ALA B 476 16.79 21.94 7.52
N ASN B 477 16.52 21.43 8.71
CA ASN B 477 17.57 21.05 9.66
C ASN B 477 17.89 19.61 9.75
N ARG B 478 16.97 18.76 9.30
CA ARG B 478 17.19 17.38 9.48
C ARG B 478 16.26 16.60 8.47
N PRO B 479 16.72 15.52 7.85
CA PRO B 479 15.85 14.92 6.85
C PRO B 479 14.70 14.19 7.59
N SER B 480 13.67 13.89 6.79
CA SER B 480 12.50 13.21 7.30
C SER B 480 12.17 11.99 6.44
N ALA B 481 12.41 10.82 6.99
CA ALA B 481 12.09 9.65 6.18
C ALA B 481 10.54 9.48 6.21
N LEU B 482 9.86 10.09 7.18
CA LEU B 482 8.39 10.11 7.22
C LEU B 482 7.83 10.57 5.91
N LEU B 483 8.39 11.62 5.32
CA LEU B 483 7.76 12.12 4.07
C LEU B 483 8.25 11.43 2.78
N SER B 484 9.07 10.38 2.88
CA SER B 484 9.64 9.77 1.71
C SER B 484 8.61 9.08 0.85
N THR B 485 7.43 8.81 1.45
CA THR B 485 6.35 8.17 0.73
C THR B 485 5.27 9.08 0.16
N VAL B 486 5.50 10.41 0.29
CA VAL B 486 4.66 11.45 -0.33
C VAL B 486 5.42 11.98 -1.55
N PRO B 487 4.98 11.57 -2.79
CA PRO B 487 5.75 11.98 -3.96
C PRO B 487 5.94 13.49 -4.19
N GLU B 488 5.00 14.33 -3.79
CA GLU B 488 5.08 15.80 -3.91
C GLU B 488 6.18 16.30 -2.99
N ALA B 489 6.36 15.62 -1.87
CA ALA B 489 7.42 16.00 -0.88
C ALA B 489 8.78 15.63 -1.47
N VAL B 490 8.90 14.42 -1.96
CA VAL B 490 10.13 13.93 -2.65
C VAL B 490 10.49 14.90 -3.78
N SER B 491 9.53 15.25 -4.60
CA SER B 491 9.73 16.17 -5.75
C SER B 491 10.21 17.56 -5.30
N ALA B 492 9.66 18.08 -4.19
CA ALA B 492 9.97 19.43 -3.65
C ALA B 492 11.40 19.45 -3.16
N LEU B 493 11.91 18.31 -2.66
CA LEU B 493 13.23 18.20 -2.06
C LEU B 493 14.27 17.92 -3.11
N SER B 494 13.84 17.43 -4.28
CA SER B 494 14.59 17.36 -5.55
C SER B 494 13.96 16.37 -6.49
#